data_6BVK
#
_entry.id   6BVK
#
_cell.length_a   184.421
_cell.length_b   184.421
_cell.length_c   179.008
_cell.angle_alpha   90.00
_cell.angle_beta   90.00
_cell.angle_gamma   90.00
#
_symmetry.space_group_name_H-M   'I 4 2 2'
#
loop_
_entity.id
_entity.type
_entity.pdbx_description
1 polymer 'GTPase HRas'
2 polymer 'Son of sevenless homolog 1'
3 polymer 'GTPase HRas'
4 non-polymer 'PHOSPHOAMINOPHOSPHONIC ACID-GUANYLATE ESTER'
5 non-polymer 'MAGNESIUM ION'
6 non-polymer N-{1-[(5-chloro-1H-indol-3-yl)methyl]piperidin-4-yl}-6-methyl-L-tryptophanamide
7 non-polymer 'FORMIC ACID'
8 non-polymer GLYCEROL
9 non-polymer 'SODIUM ION'
10 water water
#
loop_
_entity_poly.entity_id
_entity_poly.type
_entity_poly.pdbx_seq_one_letter_code
_entity_poly.pdbx_strand_id
1 'polypeptide(L)'
;GMTEYKLVVVGAGGVGKSALTIQLIQNHFVDEYDPTIEDSYRKQVVIDGET(CSO)LLDILDTAGQEEASAMRDQYMRTG
EGFLCVFAINNTKSFEDIHQYREQIKRVKDSDDVPMVLVGNKCDLAARTVESRQAQDLARSYGIPYIETSAKTRQGVEDA
FYTLVREIRQH
;
A
2 'polypeptide(L)'
;GQMRLPSADVYRFAEPDSEENIIFEENMQPKAGIPIIKAGTVIKLIERLTYHMYADPNFVRTFLTTYRSFCKPQELLSLI
IERFEIPEPEPTEADRIAIENGDQPLSAELKRFRKEYIQPVQLRVLNVCRHWVEHHFYDFERDAYLLQRMEEFIGTVRGK
AMKKWVESITKIIQRKKIARDNGPGHNITFQSSPPTVEWHISRPGHIETFDLLTLHPIEIARQLTLLESDLYRAVQPSEL
VGSVWTKEDKEINSPNLLKMIRHTTNLTLWFEKCIVETENLEERVAVVSRIIEILQVFQELNNFNGVLEVVSAMNSSPVY
RLDHTFEQIPSRQKKILEEAHELSEDHYKKYLAKLRSINPPCVPFFGIYLTNILKTEEGNPEVLKRHGKELINFSKRRKV
AEITGEIQQYQNQPYCLRVESDIKRFFENLNPMGNSMEKEFTDYLFNKSLEIEPRNPKPLPRFPKKYSYPLKSPGVRPSN
PR
;
B
3 'polypeptide(L)'
;GMTEYKLVVVGAGGVGKSALTIQLIQNHFVDEYDPTIEDSYRKQVVIDGETCLLDILDTAGQEEYSAMRDQYMRTGEGFL
CVFAINNTKSFEDIHQYREQIKRVKDSDDVPMVLVGNKCDLAARTVESRQAQDLARSYGIPYIETSAKTRQGVEDAFYTL
VREIRQH
;
C
#
loop_
_chem_comp.id
_chem_comp.type
_chem_comp.name
_chem_comp.formula
EAV non-polymer N-{1-[(5-chloro-1H-indol-3-yl)methyl]piperidin-4-yl}-6-methyl-L-tryptophanamide 'C26 H30 Cl N5 O'
FMT non-polymer 'FORMIC ACID' 'C H2 O2'
GNP non-polymer 'PHOSPHOAMINOPHOSPHONIC ACID-GUANYLATE ESTER' 'C10 H17 N6 O13 P3'
GOL non-polymer GLYCEROL 'C3 H8 O3'
MG non-polymer 'MAGNESIUM ION' 'Mg 2'
NA non-polymer 'SODIUM ION' 'Na 1'
#
# COMPACT_ATOMS: atom_id res chain seq x y z
N MET A 2 -8.14 -15.15 5.39
CA MET A 2 -7.05 -15.36 4.42
C MET A 2 -5.89 -16.16 5.02
N THR A 3 -5.68 -17.36 4.50
CA THR A 3 -4.57 -18.18 4.93
C THR A 3 -3.29 -17.75 4.23
N GLU A 4 -2.19 -17.72 4.96
CA GLU A 4 -0.90 -17.33 4.43
C GLU A 4 -0.06 -18.58 4.15
N TYR A 5 0.59 -18.63 2.98
CA TYR A 5 1.42 -19.76 2.56
C TYR A 5 2.83 -19.28 2.24
N LYS A 6 3.84 -19.92 2.82
CA LYS A 6 5.23 -19.55 2.59
C LYS A 6 5.84 -20.48 1.55
N LEU A 7 6.02 -19.97 0.33
CA LEU A 7 6.59 -20.74 -0.77
C LEU A 7 8.03 -20.32 -0.98
N VAL A 8 8.88 -21.29 -1.31
CA VAL A 8 10.29 -21.03 -1.58
C VAL A 8 10.63 -21.63 -2.94
N VAL A 9 11.30 -20.84 -3.78
CA VAL A 9 11.72 -21.29 -5.11
C VAL A 9 13.23 -21.54 -5.08
N VAL A 10 13.64 -22.79 -5.37
CA VAL A 10 15.05 -23.19 -5.28
C VAL A 10 15.47 -23.88 -6.58
N GLY A 11 16.78 -23.95 -6.78
CA GLY A 11 17.33 -24.56 -7.98
C GLY A 11 18.62 -23.87 -8.40
N ALA A 12 19.30 -24.50 -9.35
CA ALA A 12 20.61 -24.04 -9.81
C ALA A 12 20.53 -22.64 -10.43
N GLY A 13 21.68 -21.96 -10.43
CA GLY A 13 21.74 -20.65 -11.05
C GLY A 13 21.32 -20.62 -12.50
N GLY A 14 20.48 -19.66 -12.85
CA GLY A 14 20.11 -19.42 -14.23
C GLY A 14 19.00 -20.27 -14.78
N VAL A 15 18.34 -21.10 -13.96
CA VAL A 15 17.27 -21.94 -14.49
C VAL A 15 15.97 -21.18 -14.69
N GLY A 16 15.84 -19.98 -14.14
CA GLY A 16 14.64 -19.17 -14.31
C GLY A 16 13.76 -19.00 -13.07
N LYS A 17 14.32 -19.18 -11.87
CA LYS A 17 13.52 -19.02 -10.65
C LYS A 17 12.94 -17.61 -10.56
N SER A 18 13.77 -16.60 -10.80
CA SER A 18 13.28 -15.22 -10.72
C SER A 18 12.30 -14.92 -11.84
N ALA A 19 12.60 -15.35 -13.06
CA ALA A 19 11.69 -15.09 -14.17
C ALA A 19 10.34 -15.74 -13.93
N LEU A 20 10.32 -16.98 -13.41
CA LEU A 20 9.06 -17.61 -13.07
C LEU A 20 8.29 -16.80 -12.04
N THR A 21 8.97 -16.35 -10.98
CA THR A 21 8.30 -15.62 -9.91
C THR A 21 7.75 -14.28 -10.40
N ILE A 22 8.54 -13.53 -11.18
CA ILE A 22 8.11 -12.23 -11.67
C ILE A 22 6.98 -12.36 -12.70
N GLN A 23 7.00 -13.41 -13.52
CA GLN A 23 5.87 -13.69 -14.39
C GLN A 23 4.60 -13.94 -13.58
N LEU A 24 4.68 -14.73 -12.50
CA LEU A 24 3.52 -14.93 -11.64
C LEU A 24 3.04 -13.61 -11.01
N ILE A 25 3.98 -12.80 -10.52
CA ILE A 25 3.61 -11.63 -9.73
C ILE A 25 3.15 -10.48 -10.63
N GLN A 26 3.88 -10.22 -11.70
CA GLN A 26 3.69 -9.03 -12.50
C GLN A 26 3.21 -9.28 -13.93
N ASN A 27 3.11 -10.55 -14.36
CA ASN A 27 2.75 -10.88 -15.75
C ASN A 27 3.76 -10.32 -16.75
N HIS A 28 5.04 -10.28 -16.36
CA HIS A 28 6.12 -9.71 -17.16
C HIS A 28 7.27 -10.70 -17.23
N PHE A 29 7.88 -10.85 -18.41
CA PHE A 29 9.04 -11.72 -18.58
C PHE A 29 10.33 -10.92 -18.52
N VAL A 30 11.22 -11.29 -17.60
CA VAL A 30 12.52 -10.62 -17.45
C VAL A 30 13.53 -11.28 -18.38
N ASP A 31 14.08 -10.49 -19.31
CA ASP A 31 15.10 -10.99 -20.24
C ASP A 31 16.49 -11.02 -19.60
N GLU A 32 16.77 -10.09 -18.69
CA GLU A 32 18.07 -10.00 -18.07
C GLU A 32 18.29 -11.17 -17.12
N TYR A 33 19.56 -11.49 -16.92
CA TYR A 33 20.02 -12.51 -15.98
C TYR A 33 20.80 -11.75 -14.89
N ASP A 34 20.07 -11.32 -13.86
CA ASP A 34 20.65 -10.66 -12.69
C ASP A 34 20.62 -11.65 -11.53
N PRO A 35 21.75 -12.26 -11.18
CA PRO A 35 21.71 -13.30 -10.14
C PRO A 35 21.18 -12.79 -8.81
N THR A 36 20.25 -13.55 -8.24
CA THR A 36 19.57 -13.20 -7.02
C THR A 36 20.44 -13.48 -5.81
N ILE A 37 20.29 -12.66 -4.76
CA ILE A 37 20.83 -12.99 -3.45
C ILE A 37 19.69 -13.55 -2.60
N GLU A 38 18.68 -12.73 -2.33
CA GLU A 38 17.40 -13.22 -1.82
C GLU A 38 16.35 -12.13 -1.99
N ASP A 39 15.21 -12.49 -2.60
CA ASP A 39 14.11 -11.58 -2.86
C ASP A 39 12.84 -12.18 -2.31
N SER A 40 11.88 -11.30 -1.99
N SER A 40 11.86 -11.33 -1.97
CA SER A 40 10.60 -11.71 -1.44
CA SER A 40 10.59 -11.85 -1.47
C SER A 40 9.48 -11.06 -2.26
C SER A 40 9.43 -11.04 -2.03
N TYR A 41 8.34 -11.75 -2.35
CA TYR A 41 7.17 -11.22 -3.02
C TYR A 41 5.91 -11.66 -2.29
N ARG A 42 4.83 -10.90 -2.43
CA ARG A 42 3.53 -11.31 -1.90
C ARG A 42 2.47 -11.25 -2.97
N LYS A 43 1.51 -12.17 -2.90
CA LYS A 43 0.44 -12.21 -3.89
C LYS A 43 -0.85 -12.71 -3.24
N GLN A 44 -1.89 -11.88 -3.28
CA GLN A 44 -3.23 -12.31 -2.90
C GLN A 44 -3.90 -12.95 -4.11
N VAL A 45 -4.44 -14.16 -3.93
CA VAL A 45 -5.03 -14.88 -5.06
C VAL A 45 -6.05 -15.86 -4.53
N VAL A 46 -7.13 -16.06 -5.30
CA VAL A 46 -8.15 -17.04 -4.95
C VAL A 46 -7.80 -18.36 -5.63
N ILE A 47 -7.63 -19.41 -4.83
CA ILE A 47 -7.27 -20.74 -5.33
C ILE A 47 -8.32 -21.71 -4.83
N ASP A 48 -8.98 -22.42 -5.75
CA ASP A 48 -10.05 -23.35 -5.41
C ASP A 48 -11.10 -22.69 -4.51
N GLY A 49 -11.46 -21.45 -4.86
CA GLY A 49 -12.50 -20.71 -4.17
C GLY A 49 -12.10 -20.13 -2.84
N GLU A 50 -10.84 -20.25 -2.42
CA GLU A 50 -10.41 -19.75 -1.13
C GLU A 50 -9.33 -18.69 -1.34
N THR A 51 -9.50 -17.55 -0.69
CA THR A 51 -8.54 -16.48 -0.85
C THR A 51 -7.32 -16.75 -0.01
N CSO A 52 -6.13 -16.65 -0.60
CA CSO A 52 -4.97 -16.63 0.28
CB CSO A 52 -4.37 -17.99 0.40
SG CSO A 52 -4.01 -18.56 -1.22
C CSO A 52 -3.89 -15.70 -0.12
O CSO A 52 -3.95 -15.04 -1.16
OD CSO A 52 -5.25 -19.82 -1.33
N LEU A 53 -2.89 -15.67 0.73
CA LEU A 53 -1.80 -14.74 0.60
C LEU A 53 -0.52 -15.56 0.47
N LEU A 54 0.10 -15.49 -0.69
CA LEU A 54 1.33 -16.24 -0.93
C LEU A 54 2.51 -15.35 -0.60
N ASP A 55 3.41 -15.83 0.28
CA ASP A 55 4.72 -15.22 0.47
C ASP A 55 5.71 -16.08 -0.31
N ILE A 56 6.37 -15.49 -1.29
CA ILE A 56 7.24 -16.24 -2.18
C ILE A 56 8.67 -15.77 -1.98
N LEU A 57 9.53 -16.68 -1.56
CA LEU A 57 10.94 -16.40 -1.38
C LEU A 57 11.69 -16.89 -2.61
N ASP A 58 12.39 -15.98 -3.28
CA ASP A 58 13.16 -16.26 -4.48
C ASP A 58 14.64 -16.32 -4.09
N THR A 59 15.28 -17.48 -4.24
CA THR A 59 16.57 -17.73 -3.62
C THR A 59 17.71 -17.71 -4.63
N ALA A 60 18.93 -17.80 -4.10
CA ALA A 60 20.14 -17.71 -4.91
C ALA A 60 20.53 -19.10 -5.42
N GLY A 61 20.72 -19.21 -6.73
CA GLY A 61 21.21 -20.44 -7.30
C GLY A 61 22.73 -20.50 -7.47
N GLN A 62 23.41 -19.35 -7.48
CA GLN A 62 24.85 -19.38 -7.68
C GLN A 62 25.53 -20.12 -6.55
N GLU A 63 26.56 -20.92 -6.88
CA GLU A 63 27.18 -21.79 -5.89
C GLU A 63 27.85 -21.00 -4.78
N GLU A 64 28.26 -19.77 -5.05
CA GLU A 64 28.89 -18.94 -4.03
C GLU A 64 27.98 -18.69 -2.83
N ALA A 65 26.66 -18.86 -2.99
CA ALA A 65 25.72 -18.69 -1.89
C ALA A 65 25.30 -20.02 -1.26
N SER A 66 25.97 -21.13 -1.60
CA SER A 66 25.46 -22.45 -1.25
C SER A 66 25.48 -22.73 0.26
N ALA A 67 26.24 -21.95 1.05
CA ALA A 67 26.31 -22.18 2.49
C ALA A 67 25.27 -21.38 3.28
N MET A 68 24.34 -20.70 2.60
CA MET A 68 23.39 -19.81 3.27
C MET A 68 21.95 -20.28 3.14
N ARG A 69 21.73 -21.60 2.93
CA ARG A 69 20.40 -22.09 2.59
C ARG A 69 19.57 -22.56 3.78
N ASP A 70 20.20 -23.09 4.83
CA ASP A 70 19.42 -23.60 5.96
C ASP A 70 18.40 -22.57 6.44
N GLN A 71 18.80 -21.30 6.50
CA GLN A 71 17.96 -20.27 7.11
C GLN A 71 16.66 -20.07 6.34
N TYR A 72 16.68 -20.20 5.02
CA TYR A 72 15.39 -20.07 4.31
C TYR A 72 14.63 -21.38 4.23
N MET A 73 15.31 -22.52 4.32
CA MET A 73 14.59 -23.78 4.28
C MET A 73 13.82 -24.00 5.58
N ARG A 74 14.30 -23.46 6.69
CA ARG A 74 13.57 -23.57 7.94
C ARG A 74 12.21 -22.88 7.86
N THR A 75 12.15 -21.73 7.19
CA THR A 75 10.92 -20.94 7.18
C THR A 75 9.92 -21.43 6.15
N GLY A 76 10.37 -22.09 5.09
CA GLY A 76 9.47 -22.40 4.00
C GLY A 76 8.50 -23.52 4.35
N GLU A 77 7.26 -23.38 3.87
N GLU A 77 7.27 -23.40 3.83
CA GLU A 77 6.29 -24.46 3.99
CA GLU A 77 6.25 -24.44 3.99
C GLU A 77 6.36 -25.41 2.81
C GLU A 77 6.11 -25.33 2.76
N GLY A 78 6.58 -24.88 1.60
CA GLY A 78 6.58 -25.68 0.40
C GLY A 78 7.63 -25.15 -0.54
N PHE A 79 8.13 -26.02 -1.42
CA PHE A 79 9.29 -25.69 -2.24
C PHE A 79 9.03 -26.03 -3.69
N LEU A 80 9.25 -25.06 -4.58
CA LEU A 80 9.31 -25.28 -6.02
C LEU A 80 10.77 -25.62 -6.36
N CYS A 81 11.03 -26.85 -6.80
CA CYS A 81 12.39 -27.27 -7.14
C CYS A 81 12.54 -27.17 -8.67
N VAL A 82 13.29 -26.17 -9.13
CA VAL A 82 13.31 -25.77 -10.53
C VAL A 82 14.62 -26.22 -11.18
N PHE A 83 14.51 -26.82 -12.37
CA PHE A 83 15.65 -27.02 -13.26
C PHE A 83 15.23 -26.50 -14.63
N ALA A 84 16.18 -26.41 -15.55
CA ALA A 84 15.90 -25.97 -16.91
C ALA A 84 16.03 -27.18 -17.84
N ILE A 85 15.07 -27.35 -18.74
CA ILE A 85 15.04 -28.58 -19.54
C ILE A 85 16.10 -28.59 -20.62
N ASN A 86 16.86 -27.51 -20.78
CA ASN A 86 18.01 -27.48 -21.69
C ASN A 86 19.33 -27.46 -20.93
N ASN A 87 19.33 -27.84 -19.66
N ASN A 87 19.32 -27.90 -19.67
CA ASN A 87 20.56 -27.82 -18.86
CA ASN A 87 20.52 -27.82 -18.82
C ASN A 87 20.57 -29.08 -17.99
C ASN A 87 20.52 -29.08 -17.94
N THR A 88 21.32 -30.09 -18.42
N THR A 88 21.26 -30.11 -18.38
CA THR A 88 21.34 -31.37 -17.71
CA THR A 88 21.25 -31.37 -17.64
C THR A 88 21.93 -31.23 -16.31
C THR A 88 21.92 -31.23 -16.28
N LYS A 89 22.93 -30.36 -16.15
CA LYS A 89 23.54 -30.20 -14.83
C LYS A 89 22.54 -29.67 -13.81
N SER A 90 21.65 -28.76 -14.23
CA SER A 90 20.65 -28.24 -13.29
C SER A 90 19.69 -29.34 -12.85
N PHE A 91 19.38 -30.29 -13.74
CA PHE A 91 18.55 -31.42 -13.34
C PHE A 91 19.28 -32.32 -12.35
N GLU A 92 20.58 -32.57 -12.57
CA GLU A 92 21.35 -33.35 -11.62
C GLU A 92 21.51 -32.64 -10.27
N ASP A 93 21.41 -31.30 -10.24
CA ASP A 93 21.47 -30.56 -8.99
C ASP A 93 20.19 -30.68 -8.16
N ILE A 94 19.08 -31.14 -8.74
CA ILE A 94 17.81 -31.20 -8.02
C ILE A 94 17.94 -32.05 -6.75
N HIS A 95 18.60 -33.20 -6.85
CA HIS A 95 18.55 -34.09 -5.69
C HIS A 95 19.28 -33.49 -4.50
N GLN A 96 20.30 -32.66 -4.72
N GLN A 96 20.28 -32.64 -4.73
CA GLN A 96 20.95 -31.98 -3.60
CA GLN A 96 20.97 -31.98 -3.62
C GLN A 96 19.96 -31.08 -2.86
C GLN A 96 20.04 -31.00 -2.88
N TYR A 97 19.18 -30.29 -3.61
CA TYR A 97 18.19 -29.43 -2.96
C TYR A 97 17.15 -30.26 -2.21
N ARG A 98 16.67 -31.34 -2.83
CA ARG A 98 15.69 -32.20 -2.18
C ARG A 98 16.22 -32.77 -0.87
N GLU A 99 17.46 -33.25 -0.89
CA GLU A 99 18.03 -33.85 0.32
C GLU A 99 18.28 -32.80 1.41
N GLN A 100 18.76 -31.62 1.02
CA GLN A 100 18.99 -30.59 2.04
C GLN A 100 17.69 -30.14 2.68
N ILE A 101 16.62 -29.98 1.88
CA ILE A 101 15.33 -29.59 2.45
C ILE A 101 14.86 -30.63 3.45
N LYS A 102 14.97 -31.92 3.09
CA LYS A 102 14.56 -32.98 3.99
C LYS A 102 15.37 -32.96 5.29
N ARG A 103 16.68 -32.74 5.19
N ARG A 103 16.67 -32.69 5.17
CA ARG A 103 17.50 -32.67 6.39
CA ARG A 103 17.55 -32.65 6.34
C ARG A 103 17.06 -31.51 7.27
C ARG A 103 17.19 -31.50 7.27
N VAL A 104 17.00 -30.29 6.71
CA VAL A 104 16.73 -29.11 7.51
C VAL A 104 15.36 -29.19 8.17
N LYS A 105 14.36 -29.64 7.43
CA LYS A 105 13.02 -29.70 8.01
C LYS A 105 12.78 -30.99 8.78
N ASP A 106 13.77 -31.90 8.77
CA ASP A 106 13.70 -33.19 9.47
C ASP A 106 12.38 -33.89 9.14
N SER A 107 12.14 -34.07 7.85
CA SER A 107 10.89 -34.64 7.39
C SER A 107 11.06 -35.23 6.00
N ASP A 108 10.44 -36.39 5.80
CA ASP A 108 10.34 -37.05 4.50
C ASP A 108 9.11 -36.62 3.71
N ASP A 109 8.32 -35.70 4.26
CA ASP A 109 6.99 -35.38 3.73
C ASP A 109 6.82 -33.87 3.57
N VAL A 110 7.77 -33.21 2.92
CA VAL A 110 7.70 -31.76 2.73
C VAL A 110 6.98 -31.45 1.42
N PRO A 111 5.99 -30.55 1.40
CA PRO A 111 5.36 -30.19 0.12
C PRO A 111 6.38 -29.66 -0.88
N MET A 112 6.38 -30.28 -2.06
N MET A 112 6.37 -30.26 -2.07
CA MET A 112 7.30 -29.90 -3.14
CA MET A 112 7.29 -29.86 -3.12
C MET A 112 6.62 -30.12 -4.49
C MET A 112 6.65 -30.14 -4.48
N VAL A 113 7.09 -29.38 -5.49
CA VAL A 113 6.73 -29.60 -6.89
C VAL A 113 8.02 -29.54 -7.70
N LEU A 114 8.20 -30.51 -8.61
CA LEU A 114 9.35 -30.49 -9.51
C LEU A 114 8.99 -29.69 -10.76
N VAL A 115 9.80 -28.69 -11.10
CA VAL A 115 9.49 -27.77 -12.19
C VAL A 115 10.58 -27.85 -13.25
N GLY A 116 10.19 -28.20 -14.48
CA GLY A 116 11.12 -28.15 -15.61
C GLY A 116 10.86 -26.90 -16.44
N ASN A 117 11.71 -25.89 -16.29
CA ASN A 117 11.45 -24.58 -16.88
C ASN A 117 12.12 -24.43 -18.24
N LYS A 118 11.73 -23.37 -18.95
CA LYS A 118 12.21 -23.02 -20.30
C LYS A 118 11.64 -23.98 -21.35
N CYS A 119 10.39 -24.42 -21.15
CA CYS A 119 9.82 -25.38 -22.09
C CYS A 119 9.42 -24.75 -23.41
N ASP A 120 9.60 -23.43 -23.57
CA ASP A 120 9.43 -22.76 -24.85
C ASP A 120 10.59 -23.01 -25.81
N LEU A 121 11.72 -23.51 -25.30
CA LEU A 121 12.91 -23.71 -26.13
C LEU A 121 12.86 -25.08 -26.78
N ALA A 122 13.19 -25.14 -28.07
CA ALA A 122 13.13 -26.41 -28.78
C ALA A 122 14.23 -27.38 -28.35
N ALA A 123 15.43 -26.86 -28.04
CA ALA A 123 16.62 -27.69 -27.87
C ALA A 123 16.71 -28.26 -26.44
N ARG A 124 15.83 -29.23 -26.19
CA ARG A 124 15.75 -29.86 -24.89
C ARG A 124 16.84 -30.92 -24.70
N THR A 125 17.44 -30.97 -23.50
CA THR A 125 18.40 -32.02 -23.16
C THR A 125 17.95 -32.92 -22.02
N VAL A 126 16.91 -32.56 -21.27
CA VAL A 126 16.33 -33.41 -20.23
C VAL A 126 14.96 -33.86 -20.73
N GLU A 127 14.78 -35.17 -20.90
CA GLU A 127 13.50 -35.66 -21.39
C GLU A 127 12.46 -35.66 -20.27
N SER A 128 11.20 -35.43 -20.65
CA SER A 128 10.11 -35.38 -19.68
C SER A 128 10.03 -36.66 -18.88
N ARG A 129 10.24 -37.81 -19.54
CA ARG A 129 10.17 -39.10 -18.87
C ARG A 129 11.17 -39.18 -17.72
N GLN A 130 12.41 -38.72 -17.93
CA GLN A 130 13.42 -38.80 -16.88
C GLN A 130 13.04 -37.93 -15.68
N ALA A 131 12.53 -36.72 -15.94
CA ALA A 131 12.09 -35.88 -14.82
C ALA A 131 10.86 -36.48 -14.14
N GLN A 132 9.93 -37.03 -14.92
CA GLN A 132 8.75 -37.63 -14.31
C GLN A 132 9.12 -38.81 -13.41
N ASP A 133 10.09 -39.63 -13.83
CA ASP A 133 10.54 -40.74 -13.00
C ASP A 133 11.06 -40.24 -11.66
N LEU A 134 11.86 -39.17 -11.68
CA LEU A 134 12.39 -38.60 -10.44
C LEU A 134 11.25 -38.09 -9.56
N ALA A 135 10.31 -37.35 -10.15
CA ALA A 135 9.18 -36.84 -9.37
C ALA A 135 8.42 -37.99 -8.71
N ARG A 136 8.15 -39.08 -9.43
CA ARG A 136 7.44 -40.20 -8.84
C ARG A 136 8.21 -40.78 -7.65
N SER A 137 9.54 -40.85 -7.78
CA SER A 137 10.36 -41.38 -6.69
C SER A 137 10.29 -40.49 -5.45
N TYR A 138 9.98 -39.19 -5.63
CA TYR A 138 9.79 -38.27 -4.53
C TYR A 138 8.35 -38.18 -4.07
N GLY A 139 7.41 -38.76 -4.82
CA GLY A 139 6.01 -38.63 -4.49
C GLY A 139 5.41 -37.28 -4.80
N ILE A 140 5.92 -36.57 -5.80
CA ILE A 140 5.48 -35.20 -6.06
C ILE A 140 5.17 -35.04 -7.54
N PRO A 141 4.38 -34.01 -7.90
CA PRO A 141 4.07 -33.80 -9.31
C PRO A 141 5.21 -33.11 -10.03
N TYR A 142 5.20 -33.25 -11.36
CA TYR A 142 6.16 -32.63 -12.25
C TYR A 142 5.41 -31.74 -13.22
N ILE A 143 5.80 -30.47 -13.30
CA ILE A 143 5.12 -29.50 -14.17
C ILE A 143 6.16 -28.79 -15.00
N GLU A 144 5.99 -28.79 -16.32
CA GLU A 144 6.90 -28.04 -17.19
C GLU A 144 6.34 -26.64 -17.43
N THR A 145 7.23 -25.65 -17.40
CA THR A 145 6.84 -24.25 -17.39
C THR A 145 7.67 -23.47 -18.40
N SER A 146 7.13 -22.30 -18.77
CA SER A 146 7.90 -21.28 -19.47
C SER A 146 7.60 -19.94 -18.81
N ALA A 147 8.62 -19.33 -18.18
CA ALA A 147 8.44 -17.98 -17.69
C ALA A 147 8.23 -16.98 -18.82
N LYS A 148 8.66 -17.34 -20.03
CA LYS A 148 8.53 -16.44 -21.18
C LYS A 148 7.10 -16.39 -21.70
N THR A 149 6.46 -17.56 -21.87
CA THR A 149 5.11 -17.62 -22.45
C THR A 149 3.99 -17.73 -21.43
N ARG A 150 4.32 -18.00 -20.16
CA ARG A 150 3.40 -18.27 -19.03
C ARG A 150 2.91 -19.72 -19.00
N GLN A 151 3.26 -20.56 -19.97
CA GLN A 151 2.81 -21.95 -19.93
C GLN A 151 3.19 -22.59 -18.60
N GLY A 152 2.19 -23.16 -17.93
CA GLY A 152 2.43 -23.92 -16.71
C GLY A 152 2.71 -23.12 -15.44
N VAL A 153 2.84 -21.79 -15.53
CA VAL A 153 3.37 -21.04 -14.39
C VAL A 153 2.39 -21.04 -13.22
N GLU A 154 1.13 -20.66 -13.49
CA GLU A 154 0.12 -20.74 -12.43
C GLU A 154 -0.04 -22.18 -11.92
N ASP A 155 -0.03 -23.15 -12.84
CA ASP A 155 -0.18 -24.54 -12.43
C ASP A 155 0.89 -24.95 -11.44
N ALA A 156 2.14 -24.52 -11.67
CA ALA A 156 3.22 -24.94 -10.78
C ALA A 156 3.04 -24.35 -9.38
N PHE A 157 2.82 -23.03 -9.29
CA PHE A 157 2.72 -22.39 -7.98
C PHE A 157 1.46 -22.82 -7.26
N TYR A 158 0.32 -22.91 -7.97
CA TYR A 158 -0.92 -23.20 -7.27
C TYR A 158 -1.01 -24.68 -6.91
N THR A 159 -0.35 -25.56 -7.68
CA THR A 159 -0.24 -26.95 -7.24
C THR A 159 0.51 -27.05 -5.93
N LEU A 160 1.58 -26.26 -5.76
CA LEU A 160 2.31 -26.26 -4.49
C LEU A 160 1.44 -25.78 -3.34
N VAL A 161 0.63 -24.74 -3.57
CA VAL A 161 -0.29 -24.27 -2.53
C VAL A 161 -1.23 -25.40 -2.09
N ARG A 162 -1.79 -26.12 -3.07
CA ARG A 162 -2.69 -27.23 -2.75
C ARG A 162 -1.99 -28.30 -1.92
N GLU A 163 -0.71 -28.54 -2.17
N GLU A 163 -0.71 -28.57 -2.22
CA GLU A 163 0.00 -29.56 -1.39
CA GLU A 163 0.05 -29.53 -1.43
C GLU A 163 0.29 -29.09 0.03
C GLU A 163 0.18 -29.06 0.02
N ILE A 164 0.52 -27.79 0.22
CA ILE A 164 0.63 -27.26 1.57
C ILE A 164 -0.72 -27.34 2.28
N ARG A 165 -1.79 -27.00 1.56
CA ARG A 165 -3.12 -26.96 2.16
C ARG A 165 -3.54 -28.34 2.67
N GLN A 166 -3.17 -29.39 1.95
CA GLN A 166 -3.57 -30.75 2.29
C GLN A 166 -2.55 -31.46 3.17
N HIS A 167 -1.42 -30.82 3.47
CA HIS A 167 -0.36 -31.42 4.27
C HIS A 167 -0.79 -31.67 5.71
N GLY B 1 31.63 -24.36 19.44
CA GLY B 1 31.41 -23.05 20.01
C GLY B 1 31.10 -22.02 18.95
N GLN B 2 30.61 -20.86 19.38
CA GLN B 2 30.36 -19.79 18.44
C GLN B 2 31.68 -19.25 17.88
N MET B 3 31.61 -18.68 16.68
CA MET B 3 32.77 -18.01 16.14
C MET B 3 33.14 -16.82 17.00
N ARG B 4 34.44 -16.63 17.18
CA ARG B 4 34.91 -15.38 17.75
C ARG B 4 34.76 -14.27 16.72
N LEU B 5 34.63 -13.04 17.23
CA LEU B 5 34.37 -11.86 16.43
C LEU B 5 35.54 -10.90 16.48
N PRO B 6 35.64 -9.97 15.53
CA PRO B 6 36.64 -8.91 15.67
C PRO B 6 36.40 -8.13 16.95
N SER B 7 37.46 -7.50 17.45
CA SER B 7 37.33 -6.59 18.57
C SER B 7 36.36 -5.45 18.23
N ALA B 8 35.47 -5.13 19.17
CA ALA B 8 34.51 -4.04 18.94
C ALA B 8 35.20 -2.69 18.80
N ASP B 9 36.48 -2.60 19.14
CA ASP B 9 37.24 -1.36 18.96
C ASP B 9 37.64 -1.14 17.51
N VAL B 10 37.88 -2.21 16.75
CA VAL B 10 38.19 -2.07 15.34
C VAL B 10 36.98 -2.29 14.43
N TYR B 11 35.91 -2.91 14.94
CA TYR B 11 34.74 -3.22 14.11
C TYR B 11 33.50 -3.02 14.98
N ARG B 12 32.79 -1.91 14.75
CA ARG B 12 31.72 -1.49 15.67
C ARG B 12 30.56 -2.47 15.73
N PHE B 13 30.38 -3.29 14.71
CA PHE B 13 29.21 -4.16 14.63
C PHE B 13 29.38 -5.46 15.41
N ALA B 14 30.43 -5.57 16.22
CA ALA B 14 30.67 -6.74 17.06
C ALA B 14 30.35 -6.46 18.54
N GLU B 15 29.84 -5.28 18.85
CA GLU B 15 29.43 -5.00 20.22
C GLU B 15 28.31 -5.96 20.61
N PRO B 16 28.32 -6.48 21.83
CA PRO B 16 27.24 -7.40 22.24
C PRO B 16 25.89 -6.71 22.32
N ASP B 17 24.85 -7.46 21.97
CA ASP B 17 23.48 -7.00 22.21
C ASP B 17 23.28 -6.71 23.69
N SER B 18 22.61 -5.60 23.98
CA SER B 18 22.15 -5.30 25.33
C SER B 18 20.89 -4.45 25.21
N GLU B 19 20.17 -4.34 26.32
CA GLU B 19 19.00 -3.47 26.31
C GLU B 19 19.36 -1.99 26.12
N GLU B 20 20.64 -1.64 26.26
CA GLU B 20 21.07 -0.28 25.94
C GLU B 20 21.24 -0.04 24.46
N ASN B 21 21.22 -1.09 23.61
CA ASN B 21 21.35 -0.87 22.18
C ASN B 21 20.35 -1.60 21.29
N ILE B 22 19.58 -2.56 21.81
CA ILE B 22 18.56 -3.24 20.99
C ILE B 22 17.51 -3.85 21.90
N ILE B 23 16.24 -3.74 21.49
CA ILE B 23 15.10 -4.30 22.22
C ILE B 23 14.25 -5.11 21.23
N PHE B 24 13.96 -6.35 21.58
CA PHE B 24 13.19 -7.21 20.71
C PHE B 24 11.73 -7.27 21.17
N GLU B 25 10.83 -7.47 20.22
CA GLU B 25 9.44 -7.77 20.57
C GLU B 25 9.34 -9.13 21.22
N GLU B 26 8.27 -9.32 22.00
CA GLU B 26 8.00 -10.64 22.59
C GLU B 26 7.42 -11.57 21.54
N GLY B 33 11.38 -18.39 12.70
CA GLY B 33 11.50 -17.96 14.08
C GLY B 33 12.63 -16.98 14.30
N ILE B 34 12.69 -15.95 13.45
CA ILE B 34 13.73 -14.93 13.61
C ILE B 34 13.19 -13.82 14.51
N PRO B 35 14.06 -13.14 15.25
CA PRO B 35 13.58 -12.10 16.17
C PRO B 35 13.01 -10.91 15.42
N ILE B 36 12.13 -10.19 16.11
CA ILE B 36 11.50 -8.98 15.59
C ILE B 36 11.96 -7.81 16.45
N ILE B 37 12.51 -6.79 15.81
CA ILE B 37 13.14 -5.68 16.53
C ILE B 37 12.11 -4.63 16.88
N LYS B 38 12.02 -4.27 18.17
CA LYS B 38 11.19 -3.16 18.59
C LYS B 38 11.92 -1.83 18.47
N ALA B 39 13.17 -1.78 18.92
CA ALA B 39 13.94 -0.54 18.93
C ALA B 39 15.42 -0.87 18.93
N GLY B 40 16.23 0.08 18.49
CA GLY B 40 17.68 -0.13 18.55
C GLY B 40 18.44 1.10 18.10
N THR B 41 19.76 1.06 18.33
CA THR B 41 20.62 2.07 17.71
C THR B 41 20.72 1.80 16.21
N VAL B 42 21.14 2.81 15.45
CA VAL B 42 21.28 2.62 14.01
C VAL B 42 22.32 1.54 13.71
N ILE B 43 23.40 1.47 14.50
CA ILE B 43 24.41 0.42 14.32
C ILE B 43 23.80 -0.96 14.47
N LYS B 44 22.96 -1.15 15.49
CA LYS B 44 22.32 -2.45 15.70
C LYS B 44 21.30 -2.76 14.62
N LEU B 45 20.57 -1.75 14.15
CA LEU B 45 19.63 -1.98 13.05
C LEU B 45 20.38 -2.45 11.80
N ILE B 46 21.53 -1.84 11.51
CA ILE B 46 22.26 -2.21 10.31
C ILE B 46 22.89 -3.60 10.47
N GLU B 47 23.38 -3.90 11.67
CA GLU B 47 23.88 -5.25 11.96
C GLU B 47 22.81 -6.30 11.66
N ARG B 48 21.60 -6.09 12.16
CA ARG B 48 20.56 -7.09 11.97
C ARG B 48 20.02 -7.06 10.55
N LEU B 49 20.12 -5.92 9.87
CA LEU B 49 19.76 -5.82 8.46
C LEU B 49 20.62 -6.72 7.59
N THR B 50 21.83 -7.04 8.04
CA THR B 50 22.83 -7.75 7.27
C THR B 50 23.41 -8.88 8.09
N TYR B 51 22.56 -9.60 8.80
CA TYR B 51 22.98 -10.50 9.87
C TYR B 51 23.59 -11.77 9.31
N HIS B 52 24.59 -12.31 10.00
CA HIS B 52 25.28 -13.48 9.45
C HIS B 52 24.45 -14.76 9.59
N MET B 53 23.51 -14.81 10.53
CA MET B 53 22.79 -16.07 10.77
C MET B 53 21.58 -16.27 9.87
N TYR B 54 20.99 -15.20 9.33
CA TYR B 54 19.78 -15.37 8.53
C TYR B 54 19.58 -14.15 7.65
N ALA B 55 18.82 -14.35 6.57
CA ALA B 55 18.33 -13.26 5.74
C ALA B 55 16.97 -12.81 6.24
N ASP B 56 16.65 -11.55 6.01
CA ASP B 56 15.37 -10.99 6.44
C ASP B 56 14.88 -10.04 5.35
N PRO B 57 14.41 -10.58 4.22
CA PRO B 57 14.03 -9.73 3.09
C PRO B 57 12.93 -8.74 3.42
N ASN B 58 12.01 -9.08 4.32
N ASN B 58 11.98 -9.12 4.28
CA ASN B 58 10.97 -8.12 4.68
CA ASN B 58 10.96 -8.17 4.73
C ASN B 58 11.54 -6.99 5.55
C ASN B 58 11.64 -7.00 5.42
N PHE B 59 12.59 -7.28 6.32
CA PHE B 59 13.29 -6.22 7.04
C PHE B 59 14.03 -5.30 6.08
N VAL B 60 14.66 -5.84 5.03
CA VAL B 60 15.34 -5.01 4.05
C VAL B 60 14.36 -4.02 3.42
N ARG B 61 13.18 -4.50 3.01
CA ARG B 61 12.19 -3.58 2.42
C ARG B 61 11.72 -2.55 3.44
N THR B 62 11.39 -3.00 4.65
N THR B 62 11.45 -2.98 4.67
CA THR B 62 10.95 -2.08 5.69
CA THR B 62 10.93 -2.03 5.65
C THR B 62 12.00 -1.00 5.92
C THR B 62 11.99 -1.01 6.06
N PHE B 63 13.25 -1.42 6.13
CA PHE B 63 14.32 -0.48 6.41
C PHE B 63 14.52 0.50 5.25
N LEU B 64 14.65 -0.01 4.03
CA LEU B 64 14.93 0.88 2.90
C LEU B 64 13.75 1.81 2.61
N THR B 65 12.54 1.40 2.97
CA THR B 65 11.38 2.27 2.77
C THR B 65 11.35 3.41 3.79
N THR B 66 11.78 3.16 5.03
CA THR B 66 11.51 4.10 6.13
C THR B 66 12.73 4.74 6.76
N TYR B 67 13.96 4.39 6.35
CA TYR B 67 15.12 4.77 7.17
C TYR B 67 15.39 6.28 7.19
N ARG B 68 14.88 7.03 6.21
CA ARG B 68 15.25 8.44 6.13
C ARG B 68 14.69 9.25 7.29
N SER B 69 13.73 8.69 8.04
CA SER B 69 13.24 9.32 9.26
C SER B 69 14.24 9.24 10.41
N PHE B 70 15.32 8.47 10.28
CA PHE B 70 16.32 8.40 11.34
C PHE B 70 17.77 8.38 10.87
N CYS B 71 18.04 8.34 9.57
CA CYS B 71 19.40 8.27 9.06
C CYS B 71 19.43 8.89 7.67
N LYS B 72 20.41 9.76 7.40
CA LYS B 72 20.46 10.34 6.05
C LYS B 72 21.01 9.32 5.05
N PRO B 73 20.62 9.43 3.77
CA PRO B 73 21.17 8.50 2.76
C PRO B 73 22.69 8.45 2.70
N GLN B 74 23.37 9.60 2.78
CA GLN B 74 24.84 9.59 2.77
C GLN B 74 25.38 8.81 3.96
N GLU B 75 24.73 8.94 5.11
CA GLU B 75 25.21 8.25 6.31
C GLU B 75 24.93 6.76 6.25
N LEU B 76 23.77 6.38 5.68
CA LEU B 76 23.48 4.95 5.48
C LEU B 76 24.55 4.30 4.63
N LEU B 77 24.94 4.95 3.53
CA LEU B 77 25.97 4.35 2.67
C LEU B 77 27.29 4.20 3.41
N SER B 78 27.70 5.22 4.17
CA SER B 78 28.93 5.09 4.96
C SER B 78 28.84 3.92 5.93
N LEU B 79 27.67 3.75 6.56
CA LEU B 79 27.54 2.68 7.55
C LEU B 79 27.56 1.29 6.91
N ILE B 80 26.95 1.12 5.74
CA ILE B 80 27.00 -0.23 5.19
C ILE B 80 28.37 -0.53 4.58
N ILE B 81 29.09 0.50 4.10
CA ILE B 81 30.48 0.27 3.69
C ILE B 81 31.33 -0.14 4.90
N GLU B 82 31.13 0.52 6.03
CA GLU B 82 31.81 0.12 7.26
C GLU B 82 31.45 -1.32 7.65
N ARG B 83 30.17 -1.69 7.52
CA ARG B 83 29.75 -3.05 7.81
C ARG B 83 30.47 -4.06 6.92
N PHE B 84 30.66 -3.71 5.64
CA PHE B 84 31.24 -4.62 4.65
C PHE B 84 32.71 -4.94 4.95
N GLU B 85 33.43 -3.99 5.54
N GLU B 85 33.45 -3.97 5.50
CA GLU B 85 34.89 -4.09 5.65
CA GLU B 85 34.90 -4.10 5.64
C GLU B 85 35.25 -4.80 6.95
C GLU B 85 35.21 -4.80 6.96
N ILE B 86 35.14 -6.13 6.92
CA ILE B 86 35.29 -6.97 8.11
C ILE B 86 36.72 -7.46 8.21
N PRO B 87 37.39 -7.26 9.35
CA PRO B 87 38.76 -7.76 9.48
C PRO B 87 38.80 -9.27 9.67
N GLU B 88 39.85 -9.90 9.07
CA GLU B 88 40.00 -11.33 9.24
C GLU B 88 40.81 -11.62 10.50
N PRO B 89 40.56 -12.76 11.15
CA PRO B 89 41.30 -13.06 12.39
C PRO B 89 42.73 -13.50 12.09
N GLU B 90 43.59 -13.37 13.10
CA GLU B 90 44.99 -13.76 12.99
C GLU B 90 45.14 -15.28 13.09
N PRO B 91 46.26 -15.82 12.64
CA PRO B 91 46.47 -17.28 12.77
C PRO B 91 46.39 -17.72 14.22
N THR B 92 45.86 -18.92 14.43
CA THR B 92 45.72 -19.52 15.76
C THR B 92 47.03 -20.20 16.17
N GLU B 93 47.06 -20.69 17.40
CA GLU B 93 48.26 -21.37 17.90
C GLU B 93 48.63 -22.56 17.02
N ALA B 94 47.63 -23.37 16.63
CA ALA B 94 47.93 -24.53 15.77
C ALA B 94 48.49 -24.09 14.41
N ASP B 95 47.97 -22.99 13.86
CA ASP B 95 48.51 -22.47 12.60
C ASP B 95 49.95 -22.01 12.77
N ARG B 96 50.24 -21.31 13.88
N ARG B 96 50.22 -21.30 13.88
CA ARG B 96 51.60 -20.82 14.10
CA ARG B 96 51.56 -20.82 14.18
C ARG B 96 52.59 -21.98 14.20
C ARG B 96 52.56 -21.97 14.20
N ILE B 97 52.20 -23.07 14.86
CA ILE B 97 53.10 -24.20 15.01
C ILE B 97 53.35 -24.87 13.66
N ALA B 98 52.32 -24.97 12.82
CA ALA B 98 52.53 -25.53 11.48
C ALA B 98 53.51 -24.66 10.69
N ILE B 99 53.32 -23.34 10.73
CA ILE B 99 54.18 -22.45 9.96
C ILE B 99 55.61 -22.52 10.46
N GLU B 100 55.81 -22.66 11.77
CA GLU B 100 57.16 -22.74 12.32
C GLU B 100 57.87 -24.01 11.87
N ASN B 101 57.13 -25.02 11.46
CA ASN B 101 57.69 -26.26 10.94
C ASN B 101 57.77 -26.28 9.42
N GLY B 102 57.46 -25.16 8.77
CA GLY B 102 57.50 -25.11 7.32
C GLY B 102 56.33 -25.78 6.63
N ASP B 103 55.25 -26.05 7.35
CA ASP B 103 54.08 -26.69 6.78
C ASP B 103 52.98 -25.68 6.50
N GLN B 104 52.02 -26.08 5.70
CA GLN B 104 50.88 -25.20 5.45
C GLN B 104 49.89 -25.30 6.61
N PRO B 105 49.45 -24.19 7.18
CA PRO B 105 48.48 -24.27 8.27
C PRO B 105 47.12 -24.71 7.75
N LEU B 106 46.34 -25.34 8.63
CA LEU B 106 44.98 -25.74 8.27
C LEU B 106 44.05 -24.55 8.22
N SER B 107 44.30 -23.52 9.03
CA SER B 107 43.51 -22.29 9.05
C SER B 107 42.03 -22.56 9.24
N ALA B 108 41.71 -23.53 10.10
CA ALA B 108 40.32 -23.96 10.23
C ALA B 108 39.42 -22.81 10.72
N GLU B 109 39.89 -22.05 11.72
CA GLU B 109 39.06 -20.97 12.26
C GLU B 109 38.91 -19.83 11.26
N LEU B 110 39.99 -19.49 10.55
CA LEU B 110 39.92 -18.47 9.51
C LEU B 110 38.94 -18.87 8.40
N LYS B 111 39.05 -20.11 7.91
CA LYS B 111 38.15 -20.56 6.85
C LYS B 111 36.69 -20.57 7.30
N ARG B 112 36.43 -20.98 8.54
CA ARG B 112 35.05 -20.94 9.04
C ARG B 112 34.53 -19.52 9.14
N PHE B 113 35.36 -18.60 9.65
CA PHE B 113 34.92 -17.21 9.78
C PHE B 113 34.62 -16.58 8.42
N ARG B 114 35.43 -16.89 7.41
CA ARG B 114 35.13 -16.42 6.04
C ARG B 114 33.81 -16.99 5.54
N LYS B 115 33.60 -18.30 5.76
CA LYS B 115 32.44 -18.98 5.18
C LYS B 115 31.16 -18.62 5.92
N GLU B 116 31.22 -18.45 7.25
CA GLU B 116 30.00 -18.32 8.04
C GLU B 116 29.76 -16.92 8.57
N TYR B 117 30.74 -16.02 8.51
CA TYR B 117 30.53 -14.64 8.93
C TYR B 117 30.77 -13.68 7.78
N ILE B 118 31.98 -13.63 7.21
CA ILE B 118 32.30 -12.58 6.23
C ILE B 118 31.45 -12.73 4.98
N GLN B 119 31.42 -13.93 4.39
CA GLN B 119 30.72 -14.04 3.11
C GLN B 119 29.22 -13.80 3.25
N PRO B 120 28.53 -14.33 4.26
CA PRO B 120 27.10 -13.98 4.39
C PRO B 120 26.86 -12.51 4.69
N VAL B 121 27.64 -11.89 5.58
CA VAL B 121 27.43 -10.47 5.87
C VAL B 121 27.69 -9.63 4.63
N GLN B 122 28.79 -9.92 3.92
CA GLN B 122 29.11 -9.13 2.74
C GLN B 122 28.06 -9.32 1.65
N LEU B 123 27.57 -10.55 1.47
N LEU B 123 27.58 -10.55 1.46
CA LEU B 123 26.54 -10.76 0.46
CA LEU B 123 26.53 -10.77 0.47
C LEU B 123 25.25 -10.05 0.85
C LEU B 123 25.25 -10.04 0.85
N ARG B 124 24.93 -10.02 2.15
CA ARG B 124 23.72 -9.34 2.57
C ARG B 124 23.86 -7.82 2.50
N VAL B 125 25.07 -7.28 2.68
CA VAL B 125 25.30 -5.86 2.39
C VAL B 125 25.03 -5.58 0.91
N LEU B 126 25.55 -6.45 0.04
CA LEU B 126 25.32 -6.25 -1.39
C LEU B 126 23.83 -6.36 -1.73
N ASN B 127 23.10 -7.22 -1.02
CA ASN B 127 21.67 -7.32 -1.27
C ASN B 127 20.95 -6.05 -0.86
N VAL B 128 21.41 -5.38 0.20
CA VAL B 128 20.85 -4.07 0.55
C VAL B 128 21.13 -3.07 -0.56
N CYS B 129 22.37 -3.04 -1.05
CA CYS B 129 22.70 -2.15 -2.16
C CYS B 129 21.83 -2.44 -3.38
N ARG B 130 21.64 -3.72 -3.70
CA ARG B 130 20.85 -4.09 -4.87
C ARG B 130 19.40 -3.64 -4.73
N HIS B 131 18.78 -3.91 -3.57
CA HIS B 131 17.41 -3.47 -3.34
C HIS B 131 17.31 -1.94 -3.32
N TRP B 132 18.33 -1.29 -2.77
CA TRP B 132 18.34 0.17 -2.71
C TRP B 132 18.31 0.76 -4.12
N VAL B 133 19.16 0.25 -5.00
CA VAL B 133 19.22 0.75 -6.38
C VAL B 133 17.96 0.36 -7.15
N GLU B 134 17.47 -0.86 -6.96
CA GLU B 134 16.37 -1.34 -7.80
C GLU B 134 15.03 -0.73 -7.40
N HIS B 135 14.79 -0.55 -6.10
CA HIS B 135 13.47 -0.22 -5.60
C HIS B 135 13.39 1.13 -4.90
N HIS B 136 14.52 1.79 -4.65
CA HIS B 136 14.51 3.06 -3.95
C HIS B 136 15.49 4.01 -4.62
N PHE B 137 15.50 4.01 -5.96
CA PHE B 137 16.51 4.72 -6.72
C PHE B 137 16.38 6.23 -6.59
N TYR B 138 15.24 6.73 -6.08
CA TYR B 138 15.06 8.16 -5.94
C TYR B 138 16.12 8.81 -5.09
N ASP B 139 16.69 8.10 -4.11
CA ASP B 139 17.79 8.68 -3.33
C ASP B 139 18.93 9.12 -4.23
N PHE B 140 19.22 8.32 -5.26
CA PHE B 140 20.32 8.58 -6.20
C PHE B 140 19.91 9.58 -7.29
N GLU B 141 18.62 9.59 -7.67
CA GLU B 141 18.17 10.62 -8.60
C GLU B 141 18.30 12.00 -7.99
N ARG B 142 18.09 12.10 -6.68
CA ARG B 142 18.06 13.38 -5.99
C ARG B 142 19.41 13.80 -5.45
N ASP B 143 20.40 12.92 -5.47
CA ASP B 143 21.72 13.23 -4.93
C ASP B 143 22.75 12.53 -5.83
N ALA B 144 23.24 13.26 -6.84
CA ALA B 144 24.18 12.65 -7.79
C ALA B 144 25.46 12.20 -7.11
N TYR B 145 25.87 12.88 -6.03
CA TYR B 145 27.10 12.47 -5.36
C TYR B 145 26.91 11.14 -4.63
N LEU B 146 25.72 10.92 -4.06
CA LEU B 146 25.42 9.62 -3.47
C LEU B 146 25.59 8.51 -4.51
N LEU B 147 25.10 8.74 -5.73
CA LEU B 147 25.25 7.73 -6.78
C LEU B 147 26.71 7.48 -7.11
N GLN B 148 27.51 8.55 -7.22
CA GLN B 148 28.94 8.36 -7.47
C GLN B 148 29.58 7.48 -6.39
N ARG B 149 29.24 7.73 -5.12
CA ARG B 149 29.83 6.94 -4.04
C ARG B 149 29.44 5.48 -4.13
N MET B 150 28.18 5.20 -4.48
CA MET B 150 27.73 3.82 -4.62
C MET B 150 28.42 3.13 -5.80
N GLU B 151 28.52 3.82 -6.93
CA GLU B 151 29.24 3.25 -8.07
C GLU B 151 30.68 2.93 -7.72
N GLU B 152 31.34 3.84 -6.99
CA GLU B 152 32.73 3.64 -6.61
C GLU B 152 32.89 2.48 -5.63
N PHE B 153 31.99 2.39 -4.65
CA PHE B 153 32.06 1.27 -3.71
C PHE B 153 31.89 -0.06 -4.43
N ILE B 154 30.80 -0.20 -5.20
CA ILE B 154 30.53 -1.47 -5.88
C ILE B 154 31.65 -1.80 -6.84
N GLY B 155 32.08 -0.81 -7.63
CA GLY B 155 33.09 -1.05 -8.65
C GLY B 155 34.48 -1.32 -8.12
N THR B 156 34.72 -1.18 -6.82
CA THR B 156 36.01 -1.51 -6.25
C THR B 156 35.97 -2.69 -5.28
N VAL B 157 34.87 -3.44 -5.21
CA VAL B 157 34.87 -4.65 -4.39
C VAL B 157 35.70 -5.72 -5.09
N ARG B 158 36.68 -6.26 -4.37
CA ARG B 158 37.61 -7.24 -4.94
C ARG B 158 37.24 -8.64 -4.49
N GLY B 159 37.88 -9.63 -5.13
CA GLY B 159 37.74 -10.98 -4.63
C GLY B 159 36.64 -11.76 -5.31
N LYS B 160 36.86 -13.05 -5.54
CA LYS B 160 36.00 -13.79 -6.46
C LYS B 160 34.67 -14.20 -5.86
N ALA B 161 34.55 -14.28 -4.53
CA ALA B 161 33.28 -14.76 -3.98
C ALA B 161 32.12 -13.81 -4.26
N MET B 162 32.39 -12.49 -4.29
CA MET B 162 31.33 -11.50 -4.55
C MET B 162 31.22 -11.11 -6.03
N LYS B 163 32.13 -11.61 -6.89
CA LYS B 163 32.32 -11.03 -8.22
C LYS B 163 31.05 -11.07 -9.08
N LYS B 164 30.29 -12.17 -9.05
CA LYS B 164 29.11 -12.23 -9.89
C LYS B 164 28.11 -11.14 -9.53
N TRP B 165 27.96 -10.86 -8.23
CA TRP B 165 26.96 -9.88 -7.82
C TRP B 165 27.46 -8.45 -8.00
N VAL B 166 28.76 -8.22 -7.81
CA VAL B 166 29.34 -6.90 -8.05
C VAL B 166 29.19 -6.51 -9.51
N GLU B 167 29.53 -7.43 -10.42
CA GLU B 167 29.39 -7.13 -11.84
C GLU B 167 27.93 -6.93 -12.22
N SER B 168 27.02 -7.69 -11.60
CA SER B 168 25.60 -7.51 -11.88
C SER B 168 25.09 -6.17 -11.36
N ILE B 169 25.45 -5.82 -10.13
CA ILE B 169 24.95 -4.57 -9.56
C ILE B 169 25.49 -3.37 -10.34
N THR B 170 26.73 -3.45 -10.82
CA THR B 170 27.25 -2.40 -11.68
C THR B 170 26.36 -2.21 -12.91
N LYS B 171 25.98 -3.31 -13.56
CA LYS B 171 25.12 -3.19 -14.75
C LYS B 171 23.73 -2.66 -14.38
N ILE B 172 23.17 -3.11 -13.26
CA ILE B 172 21.84 -2.63 -12.86
C ILE B 172 21.87 -1.12 -12.64
N ILE B 173 22.91 -0.62 -11.96
CA ILE B 173 23.02 0.82 -11.75
C ILE B 173 23.03 1.57 -13.08
N GLN B 174 23.86 1.11 -14.02
CA GLN B 174 23.95 1.81 -15.30
C GLN B 174 22.62 1.77 -16.04
N ARG B 175 21.90 0.65 -15.95
N ARG B 175 21.89 0.65 -15.96
CA ARG B 175 20.58 0.55 -16.58
CA ARG B 175 20.59 0.58 -16.60
C ARG B 175 19.60 1.53 -15.94
C ARG B 175 19.59 1.53 -15.94
N LYS B 176 19.60 1.62 -14.60
CA LYS B 176 18.68 2.52 -13.91
C LYS B 176 18.96 3.97 -14.25
N LYS B 177 20.20 4.31 -14.61
CA LYS B 177 20.51 5.71 -14.91
C LYS B 177 19.84 6.18 -16.20
N ILE B 178 19.73 5.31 -17.21
CA ILE B 178 19.17 5.72 -18.49
C ILE B 178 17.72 5.28 -18.66
N ALA B 179 17.07 4.82 -17.60
CA ALA B 179 15.70 4.34 -17.69
C ALA B 179 14.71 5.48 -17.44
N ASN B 187 5.88 -4.31 -20.38
CA ASN B 187 5.64 -5.42 -21.30
C ASN B 187 4.94 -6.58 -20.58
N ILE B 188 3.70 -6.86 -20.98
CA ILE B 188 2.76 -7.67 -20.20
C ILE B 188 2.24 -8.81 -21.06
N THR B 189 2.15 -10.03 -20.47
CA THR B 189 1.59 -11.19 -21.16
C THR B 189 0.46 -11.80 -20.33
N PHE B 190 -0.58 -12.30 -21.01
CA PHE B 190 -1.83 -12.66 -20.35
C PHE B 190 -2.29 -14.09 -20.60
N GLN B 191 -3.14 -14.56 -19.68
CA GLN B 191 -3.78 -15.87 -19.81
C GLN B 191 -4.88 -15.92 -20.87
N SER B 192 -5.30 -14.79 -21.44
CA SER B 192 -6.35 -14.77 -22.46
C SER B 192 -6.29 -13.45 -23.21
N SER B 193 -7.12 -13.34 -24.26
CA SER B 193 -7.27 -12.07 -24.93
C SER B 193 -8.26 -11.19 -24.16
N PRO B 194 -8.05 -9.87 -24.18
CA PRO B 194 -9.02 -8.96 -23.56
C PRO B 194 -10.34 -8.99 -24.31
N PRO B 195 -11.45 -8.66 -23.66
CA PRO B 195 -12.74 -8.65 -24.36
C PRO B 195 -12.81 -7.54 -25.40
N THR B 196 -13.77 -7.69 -26.31
CA THR B 196 -13.94 -6.71 -27.38
C THR B 196 -14.46 -5.38 -26.82
N VAL B 197 -13.92 -4.26 -27.32
CA VAL B 197 -14.38 -2.95 -26.92
C VAL B 197 -15.84 -2.76 -27.34
N GLU B 198 -16.66 -2.22 -26.44
CA GLU B 198 -18.10 -2.08 -26.70
C GLU B 198 -18.47 -0.65 -27.04
N TRP B 199 -19.37 -0.48 -28.02
CA TRP B 199 -19.81 0.83 -28.49
C TRP B 199 -21.34 0.92 -28.43
N HIS B 200 -21.83 2.15 -28.22
CA HIS B 200 -23.24 2.41 -28.05
C HIS B 200 -23.64 3.46 -29.10
N ILE B 201 -24.11 4.65 -28.69
CA ILE B 201 -24.52 5.68 -29.65
C ILE B 201 -23.30 6.30 -30.33
N SER B 202 -22.30 6.72 -29.55
CA SER B 202 -21.06 7.22 -30.12
C SER B 202 -20.33 6.08 -30.82
N ARG B 203 -19.84 6.35 -32.03
CA ARG B 203 -19.12 5.34 -32.79
C ARG B 203 -17.62 5.64 -32.78
N PRO B 204 -16.78 4.65 -33.10
CA PRO B 204 -15.33 4.84 -33.04
C PRO B 204 -14.88 6.04 -33.87
N GLY B 205 -14.01 6.86 -33.29
CA GLY B 205 -13.48 8.03 -33.95
C GLY B 205 -14.33 9.28 -33.83
N HIS B 206 -15.53 9.19 -33.28
CA HIS B 206 -16.43 10.34 -33.21
C HIS B 206 -16.43 10.96 -31.82
N ILE B 207 -15.24 11.45 -31.45
CA ILE B 207 -14.99 11.89 -30.09
C ILE B 207 -15.85 13.08 -29.71
N GLU B 208 -16.33 13.85 -30.70
CA GLU B 208 -17.14 15.02 -30.41
C GLU B 208 -18.51 14.67 -29.84
N THR B 209 -18.96 13.43 -29.99
CA THR B 209 -20.24 13.00 -29.45
C THR B 209 -20.12 12.26 -28.13
N PHE B 210 -18.90 11.98 -27.66
CA PHE B 210 -18.69 11.23 -26.43
C PHE B 210 -19.34 11.96 -25.24
N ASP B 211 -20.07 11.21 -24.42
CA ASP B 211 -20.73 11.75 -23.24
C ASP B 211 -21.17 10.58 -22.38
N LEU B 212 -21.71 10.91 -21.20
CA LEU B 212 -22.10 9.89 -20.24
C LEU B 212 -23.09 8.88 -20.83
N LEU B 213 -24.07 9.35 -21.59
CA LEU B 213 -25.14 8.47 -22.08
C LEU B 213 -24.86 7.90 -23.48
N THR B 214 -23.89 8.44 -24.21
CA THR B 214 -23.63 8.00 -25.59
C THR B 214 -22.49 6.99 -25.69
N LEU B 215 -21.53 7.02 -24.79
CA LEU B 215 -20.58 5.90 -24.68
C LEU B 215 -21.29 4.71 -24.04
N HIS B 216 -20.77 3.52 -24.30
CA HIS B 216 -21.36 2.32 -23.71
C HIS B 216 -20.99 2.27 -22.23
N PRO B 217 -21.96 2.04 -21.33
CA PRO B 217 -21.60 2.05 -19.90
C PRO B 217 -20.58 1.00 -19.54
N ILE B 218 -20.57 -0.16 -20.21
CA ILE B 218 -19.51 -1.14 -19.95
C ILE B 218 -18.15 -0.52 -20.27
N GLU B 219 -18.05 0.17 -21.39
CA GLU B 219 -16.76 0.67 -21.82
C GLU B 219 -16.33 1.91 -21.02
N ILE B 220 -17.29 2.72 -20.58
CA ILE B 220 -16.96 3.77 -19.61
C ILE B 220 -16.28 3.17 -18.39
N ALA B 221 -16.89 2.13 -17.80
CA ALA B 221 -16.30 1.54 -16.60
C ALA B 221 -14.94 0.89 -16.90
N ARG B 222 -14.80 0.24 -18.07
CA ARG B 222 -13.50 -0.39 -18.37
C ARG B 222 -12.40 0.65 -18.55
N GLN B 223 -12.68 1.72 -19.29
CA GLN B 223 -11.61 2.69 -19.58
C GLN B 223 -11.28 3.52 -18.34
N LEU B 224 -12.28 3.85 -17.51
CA LEU B 224 -11.98 4.49 -16.23
C LEU B 224 -11.18 3.55 -15.33
N THR B 225 -11.46 2.25 -15.38
CA THR B 225 -10.71 1.30 -14.55
C THR B 225 -9.25 1.22 -14.99
N LEU B 226 -8.99 1.16 -16.30
CA LEU B 226 -7.60 1.21 -16.78
C LEU B 226 -6.90 2.49 -16.36
N LEU B 227 -7.57 3.63 -16.49
CA LEU B 227 -6.98 4.91 -16.08
C LEU B 227 -6.69 4.92 -14.57
N GLU B 228 -7.67 4.50 -13.77
CA GLU B 228 -7.54 4.55 -12.31
C GLU B 228 -6.55 3.51 -11.81
N SER B 229 -6.47 2.36 -12.47
CA SER B 229 -5.44 1.37 -12.15
C SER B 229 -4.04 1.92 -12.43
N ASP B 230 -3.84 2.52 -13.61
CA ASP B 230 -2.56 3.14 -13.91
C ASP B 230 -2.20 4.22 -12.89
N LEU B 231 -3.16 5.05 -12.48
CA LEU B 231 -2.87 6.08 -11.47
C LEU B 231 -2.51 5.45 -10.14
N TYR B 232 -3.24 4.39 -9.73
CA TYR B 232 -2.93 3.69 -8.48
C TYR B 232 -1.53 3.07 -8.52
N ARG B 233 -1.18 2.43 -9.64
CA ARG B 233 0.09 1.72 -9.75
C ARG B 233 1.29 2.67 -9.79
N ALA B 234 1.07 3.95 -10.11
CA ALA B 234 2.20 4.87 -10.22
C ALA B 234 2.65 5.46 -8.88
N VAL B 235 1.90 5.25 -7.79
CA VAL B 235 2.24 5.90 -6.52
C VAL B 235 3.37 5.12 -5.84
N GLN B 236 4.48 5.81 -5.54
CA GLN B 236 5.64 5.19 -4.91
C GLN B 236 5.64 5.46 -3.40
N PRO B 237 6.30 4.61 -2.60
CA PRO B 237 6.33 4.86 -1.15
C PRO B 237 6.99 6.18 -0.77
N SER B 238 7.90 6.70 -1.60
CA SER B 238 8.52 8.00 -1.34
C SER B 238 7.49 9.12 -1.25
N GLU B 239 6.31 8.93 -1.85
N GLU B 239 6.31 8.94 -1.86
CA GLU B 239 5.24 9.91 -1.79
CA GLU B 239 5.27 9.95 -1.77
C GLU B 239 4.43 9.83 -0.50
C GLU B 239 4.43 9.83 -0.50
N LEU B 240 4.67 8.80 0.31
CA LEU B 240 3.86 8.51 1.49
C LEU B 240 4.62 8.62 2.80
N VAL B 241 5.83 8.09 2.88
CA VAL B 241 6.53 8.09 4.16
C VAL B 241 6.81 9.51 4.61
N GLY B 242 6.78 9.73 5.92
CA GLY B 242 6.92 11.07 6.44
C GLY B 242 5.69 11.95 6.27
N SER B 243 4.56 11.38 5.85
CA SER B 243 3.30 12.10 5.64
C SER B 243 3.46 13.27 4.69
N VAL B 244 4.35 13.13 3.70
CA VAL B 244 4.75 14.29 2.91
C VAL B 244 3.63 14.80 2.01
N TRP B 245 2.60 14.00 1.73
CA TRP B 245 1.48 14.48 0.90
C TRP B 245 0.59 15.47 1.63
N THR B 246 0.77 15.65 2.94
CA THR B 246 0.02 16.61 3.73
C THR B 246 0.80 17.90 3.99
N LYS B 247 2.09 17.96 3.65
CA LYS B 247 2.95 19.05 4.05
C LYS B 247 3.07 20.11 2.94
N GLU B 248 3.78 21.19 3.26
CA GLU B 248 3.81 22.34 2.35
C GLU B 248 4.38 22.00 0.98
N ASP B 249 5.33 21.07 0.91
CA ASP B 249 5.93 20.67 -0.36
C ASP B 249 5.23 19.47 -1.01
N LYS B 250 3.95 19.24 -0.71
CA LYS B 250 3.26 18.05 -1.22
C LYS B 250 3.27 17.97 -2.76
N GLU B 251 3.22 19.11 -3.46
CA GLU B 251 3.20 19.02 -4.93
C GLU B 251 4.53 18.52 -5.47
N ILE B 252 5.62 18.78 -4.74
CA ILE B 252 6.94 18.30 -5.15
C ILE B 252 7.12 16.84 -4.79
N ASN B 253 6.69 16.46 -3.58
CA ASN B 253 7.03 15.14 -3.06
C ASN B 253 5.98 14.07 -3.35
N SER B 254 4.73 14.44 -3.64
CA SER B 254 3.67 13.45 -3.84
C SER B 254 2.88 13.67 -5.13
N PRO B 255 3.55 13.93 -6.26
CA PRO B 255 2.79 14.31 -7.47
C PRO B 255 1.91 13.19 -8.02
N ASN B 256 2.35 11.93 -7.99
CA ASN B 256 1.50 10.86 -8.53
C ASN B 256 0.30 10.60 -7.63
N LEU B 257 0.50 10.62 -6.31
CA LEU B 257 -0.64 10.48 -5.41
C LEU B 257 -1.66 11.59 -5.65
N LEU B 258 -1.20 12.84 -5.73
CA LEU B 258 -2.13 13.95 -5.92
C LEU B 258 -2.85 13.87 -7.26
N LYS B 259 -2.15 13.45 -8.33
N LYS B 259 -2.15 13.45 -8.33
CA LYS B 259 -2.81 13.26 -9.61
CA LYS B 259 -2.82 13.26 -9.61
C LYS B 259 -3.91 12.20 -9.51
C LYS B 259 -3.93 12.21 -9.50
N MET B 260 -3.66 11.13 -8.76
CA MET B 260 -4.66 10.09 -8.58
C MET B 260 -5.87 10.62 -7.83
N ILE B 261 -5.65 11.36 -6.74
CA ILE B 261 -6.77 11.89 -5.97
C ILE B 261 -7.55 12.91 -6.77
N ARG B 262 -6.85 13.75 -7.54
CA ARG B 262 -7.55 14.78 -8.30
C ARG B 262 -8.39 14.17 -9.41
N HIS B 263 -7.94 13.05 -10.00
CA HIS B 263 -8.80 12.33 -10.95
C HIS B 263 -10.08 11.87 -10.29
N THR B 264 -9.96 11.23 -9.13
CA THR B 264 -11.12 10.73 -8.39
C THR B 264 -12.10 11.87 -8.09
N THR B 265 -11.58 12.99 -7.60
CA THR B 265 -12.42 14.14 -7.30
C THR B 265 -13.11 14.65 -8.55
N ASN B 266 -12.37 14.77 -9.66
CA ASN B 266 -12.97 15.26 -10.90
C ASN B 266 -14.09 14.37 -11.41
N LEU B 267 -13.90 13.04 -11.35
CA LEU B 267 -14.96 12.16 -11.82
C LEU B 267 -16.20 12.24 -10.93
N THR B 268 -16.01 12.32 -9.62
CA THR B 268 -17.14 12.49 -8.72
C THR B 268 -17.92 13.75 -9.06
N LEU B 269 -17.21 14.87 -9.23
CA LEU B 269 -17.88 16.12 -9.59
C LEU B 269 -18.53 16.05 -10.97
N TRP B 270 -17.93 15.33 -11.91
CA TRP B 270 -18.56 15.18 -13.22
C TRP B 270 -19.88 14.42 -13.12
N PHE B 271 -19.91 13.34 -12.32
CA PHE B 271 -21.16 12.62 -12.09
C PHE B 271 -22.22 13.56 -11.50
N GLU B 272 -21.84 14.32 -10.47
CA GLU B 272 -22.79 15.29 -9.88
C GLU B 272 -23.27 16.30 -10.92
N LYS B 273 -22.36 16.82 -11.73
CA LYS B 273 -22.74 17.82 -12.73
C LYS B 273 -23.66 17.23 -13.80
N CYS B 274 -23.36 16.01 -14.26
CA CYS B 274 -24.26 15.35 -15.21
C CYS B 274 -25.66 15.23 -14.64
N ILE B 275 -25.77 14.92 -13.35
CA ILE B 275 -27.07 14.70 -12.73
C ILE B 275 -27.84 16.03 -12.62
N VAL B 276 -27.25 17.02 -11.95
CA VAL B 276 -28.04 18.23 -11.65
C VAL B 276 -28.22 19.16 -12.85
N GLU B 277 -27.38 19.06 -13.88
CA GLU B 277 -27.63 19.84 -15.10
C GLU B 277 -28.65 19.17 -16.03
N THR B 278 -29.14 17.99 -15.68
CA THR B 278 -30.24 17.36 -16.40
C THR B 278 -31.53 17.75 -15.68
N GLU B 279 -32.18 18.82 -16.16
CA GLU B 279 -33.30 19.39 -15.43
C GLU B 279 -34.60 18.59 -15.59
N ASN B 280 -34.83 17.98 -16.74
CA ASN B 280 -36.01 17.14 -16.94
C ASN B 280 -35.93 15.89 -16.05
N LEU B 281 -37.01 15.63 -15.29
CA LEU B 281 -37.01 14.54 -14.31
C LEU B 281 -36.76 13.18 -14.97
N GLU B 282 -37.51 12.87 -16.04
CA GLU B 282 -37.34 11.59 -16.72
C GLU B 282 -35.91 11.42 -17.23
N GLU B 283 -35.34 12.45 -17.83
CA GLU B 283 -33.96 12.35 -18.30
C GLU B 283 -32.98 12.18 -17.15
N ARG B 284 -33.23 12.85 -16.02
CA ARG B 284 -32.31 12.76 -14.89
C ARG B 284 -32.35 11.37 -14.27
N VAL B 285 -33.53 10.76 -14.24
CA VAL B 285 -33.62 9.37 -13.80
C VAL B 285 -32.76 8.47 -14.67
N ALA B 286 -32.77 8.70 -16.00
CA ALA B 286 -31.93 7.90 -16.89
C ALA B 286 -30.45 8.13 -16.62
N VAL B 287 -30.07 9.37 -16.30
CA VAL B 287 -28.67 9.67 -15.98
C VAL B 287 -28.24 8.94 -14.70
N VAL B 288 -29.05 9.03 -13.65
CA VAL B 288 -28.69 8.37 -12.39
C VAL B 288 -28.65 6.85 -12.57
N SER B 289 -29.63 6.31 -13.29
N SER B 289 -29.64 6.30 -13.28
CA SER B 289 -29.64 4.87 -13.57
CA SER B 289 -29.64 4.87 -13.58
C SER B 289 -28.40 4.44 -14.34
C SER B 289 -28.37 4.45 -14.32
N ARG B 290 -27.94 5.26 -15.29
CA ARG B 290 -26.74 4.91 -16.05
C ARG B 290 -25.51 4.92 -15.15
N ILE B 291 -25.43 5.88 -14.23
CA ILE B 291 -24.28 5.92 -13.34
C ILE B 291 -24.27 4.71 -12.40
N ILE B 292 -25.45 4.26 -11.97
CA ILE B 292 -25.49 3.06 -11.14
C ILE B 292 -25.09 1.81 -11.94
N GLU B 293 -25.40 1.76 -13.25
CA GLU B 293 -24.90 0.66 -14.08
C GLU B 293 -23.38 0.69 -14.19
N ILE B 294 -22.79 1.88 -14.34
CA ILE B 294 -21.34 1.99 -14.35
C ILE B 294 -20.78 1.47 -13.02
N LEU B 295 -21.42 1.84 -11.92
N LEU B 295 -21.41 1.86 -11.92
CA LEU B 295 -21.01 1.34 -10.61
CA LEU B 295 -21.04 1.34 -10.60
C LEU B 295 -21.05 -0.19 -10.56
C LEU B 295 -21.03 -0.19 -10.59
N GLN B 296 -22.08 -0.80 -11.15
CA GLN B 296 -22.16 -2.26 -11.18
C GLN B 296 -20.97 -2.88 -11.90
N VAL B 297 -20.53 -2.28 -13.02
CA VAL B 297 -19.38 -2.82 -13.72
C VAL B 297 -18.09 -2.55 -12.95
N PHE B 298 -17.96 -1.39 -12.31
CA PHE B 298 -16.85 -1.16 -11.39
C PHE B 298 -16.75 -2.27 -10.35
N GLN B 299 -17.89 -2.65 -9.76
CA GLN B 299 -17.89 -3.74 -8.78
C GLN B 299 -17.41 -5.03 -9.39
N GLU B 300 -17.89 -5.35 -10.59
CA GLU B 300 -17.47 -6.59 -11.27
C GLU B 300 -15.97 -6.59 -11.56
N LEU B 301 -15.38 -5.42 -11.81
CA LEU B 301 -13.95 -5.27 -12.09
C LEU B 301 -13.09 -5.11 -10.84
N ASN B 302 -13.69 -5.14 -9.63
CA ASN B 302 -12.97 -4.85 -8.38
C ASN B 302 -12.33 -3.47 -8.42
N ASN B 303 -12.94 -2.49 -9.09
CA ASN B 303 -12.40 -1.13 -9.06
C ASN B 303 -13.11 -0.42 -7.91
N PHE B 304 -12.54 -0.53 -6.71
CA PHE B 304 -13.17 0.06 -5.54
C PHE B 304 -13.04 1.57 -5.52
N ASN B 305 -11.95 2.11 -6.09
CA ASN B 305 -11.89 3.56 -6.26
C ASN B 305 -13.09 4.05 -7.07
N GLY B 306 -13.41 3.36 -8.16
CA GLY B 306 -14.55 3.75 -8.98
C GLY B 306 -15.87 3.59 -8.26
N VAL B 307 -16.04 2.49 -7.54
CA VAL B 307 -17.24 2.32 -6.72
C VAL B 307 -17.44 3.53 -5.80
N LEU B 308 -16.38 3.93 -5.10
CA LEU B 308 -16.56 5.01 -4.14
C LEU B 308 -16.69 6.38 -4.83
N GLU B 309 -16.09 6.55 -6.01
CA GLU B 309 -16.36 7.77 -6.79
C GLU B 309 -17.85 7.96 -7.01
N VAL B 310 -18.55 6.87 -7.34
CA VAL B 310 -19.98 6.94 -7.59
C VAL B 310 -20.74 7.15 -6.28
N VAL B 311 -20.40 6.37 -5.25
CA VAL B 311 -21.07 6.51 -3.95
C VAL B 311 -20.91 7.93 -3.41
N SER B 312 -19.69 8.50 -3.50
CA SER B 312 -19.48 9.88 -3.05
C SER B 312 -20.37 10.87 -3.80
N ALA B 313 -20.54 10.66 -5.11
CA ALA B 313 -21.42 11.55 -5.87
C ALA B 313 -22.86 11.41 -5.42
N MET B 314 -23.33 10.17 -5.21
CA MET B 314 -24.71 9.97 -4.80
C MET B 314 -25.00 10.52 -3.40
N ASN B 315 -23.98 10.58 -2.55
CA ASN B 315 -24.15 11.12 -1.20
C ASN B 315 -23.79 12.60 -1.09
N SER B 316 -23.42 13.25 -2.19
CA SER B 316 -23.10 14.68 -2.13
C SER B 316 -24.37 15.48 -1.82
N SER B 317 -24.19 16.66 -1.24
CA SER B 317 -25.35 17.51 -0.93
C SER B 317 -26.26 17.76 -2.11
N PRO B 318 -25.77 18.08 -3.33
CA PRO B 318 -26.72 18.34 -4.43
C PRO B 318 -27.51 17.12 -4.86
N VAL B 319 -26.94 15.93 -4.77
CA VAL B 319 -27.58 14.74 -5.34
C VAL B 319 -28.43 14.02 -4.31
N TYR B 320 -27.92 13.94 -3.09
CA TYR B 320 -28.57 13.18 -2.03
C TYR B 320 -30.02 13.61 -1.82
N ARG B 321 -30.32 14.90 -2.00
CA ARG B 321 -31.65 15.44 -1.70
C ARG B 321 -32.66 15.27 -2.83
N LEU B 322 -32.30 14.63 -3.95
CA LEU B 322 -33.18 14.53 -5.12
C LEU B 322 -34.20 13.38 -4.98
N ASP B 323 -35.09 13.51 -3.98
CA ASP B 323 -36.01 12.42 -3.66
C ASP B 323 -36.90 12.03 -4.83
N HIS B 324 -37.34 13.00 -5.65
CA HIS B 324 -38.19 12.65 -6.79
C HIS B 324 -37.45 11.79 -7.80
N THR B 325 -36.14 12.00 -7.91
CA THR B 325 -35.34 11.23 -8.85
C THR B 325 -35.13 9.81 -8.35
N PHE B 326 -34.70 9.68 -7.09
CA PHE B 326 -34.40 8.35 -6.58
C PHE B 326 -35.66 7.52 -6.37
N GLU B 327 -36.82 8.16 -6.26
CA GLU B 327 -38.06 7.41 -6.15
C GLU B 327 -38.34 6.58 -7.40
N GLN B 328 -37.87 7.02 -8.55
N GLN B 328 -37.87 7.03 -8.56
CA GLN B 328 -38.16 6.31 -9.80
CA GLN B 328 -38.12 6.38 -9.84
C GLN B 328 -37.08 5.32 -10.19
C GLN B 328 -37.00 5.44 -10.28
N ILE B 329 -35.98 5.26 -9.46
CA ILE B 329 -34.90 4.30 -9.79
C ILE B 329 -35.41 2.89 -9.53
N PRO B 330 -35.20 1.95 -10.46
CA PRO B 330 -35.68 0.57 -10.24
C PRO B 330 -35.15 -0.03 -8.94
N SER B 331 -35.96 -0.90 -8.33
N SER B 331 -35.91 -0.98 -8.39
N SER B 331 -35.93 -0.93 -8.35
CA SER B 331 -35.63 -1.43 -7.01
CA SER B 331 -35.53 -1.62 -7.13
CA SER B 331 -35.52 -1.60 -7.12
C SER B 331 -34.29 -2.15 -7.01
C SER B 331 -34.18 -2.33 -7.23
C SER B 331 -34.24 -2.39 -7.33
N ARG B 332 -33.98 -2.89 -8.07
N ARG B 332 -33.92 -3.01 -8.34
CA ARG B 332 -32.72 -3.62 -8.13
CA ARG B 332 -32.65 -3.74 -8.46
C ARG B 332 -31.53 -2.66 -8.11
C ARG B 332 -31.45 -2.79 -8.47
N GLN B 333 -31.65 -1.52 -8.81
CA GLN B 333 -30.57 -0.54 -8.80
C GLN B 333 -30.46 0.17 -7.46
N LYS B 334 -31.59 0.42 -6.80
CA LYS B 334 -31.53 0.88 -5.42
C LYS B 334 -30.70 -0.08 -4.58
N LYS B 335 -30.88 -1.38 -4.80
CA LYS B 335 -30.16 -2.36 -4.00
C LYS B 335 -28.67 -2.35 -4.32
N ILE B 336 -28.30 -2.17 -5.59
CA ILE B 336 -26.88 -2.08 -5.96
C ILE B 336 -26.23 -0.88 -5.27
N LEU B 337 -26.90 0.27 -5.30
CA LEU B 337 -26.32 1.46 -4.69
C LEU B 337 -26.24 1.31 -3.17
N GLU B 338 -27.27 0.73 -2.55
CA GLU B 338 -27.26 0.52 -1.10
C GLU B 338 -26.11 -0.40 -0.68
N GLU B 339 -25.93 -1.52 -1.40
CA GLU B 339 -24.82 -2.42 -1.08
C GLU B 339 -23.48 -1.71 -1.20
N ALA B 340 -23.30 -0.89 -2.23
CA ALA B 340 -22.05 -0.15 -2.39
C ALA B 340 -21.86 0.86 -1.27
N HIS B 341 -22.93 1.57 -0.90
CA HIS B 341 -22.84 2.49 0.23
C HIS B 341 -22.45 1.78 1.52
N GLU B 342 -22.97 0.57 1.73
CA GLU B 342 -22.68 -0.17 2.95
C GLU B 342 -21.21 -0.57 3.06
N LEU B 343 -20.47 -0.60 1.93
CA LEU B 343 -19.04 -0.84 2.02
C LEU B 343 -18.33 0.16 2.92
N SER B 344 -18.79 1.41 2.91
CA SER B 344 -18.09 2.46 3.66
C SER B 344 -18.54 2.59 5.10
N GLU B 345 -19.67 1.98 5.45
CA GLU B 345 -20.21 2.14 6.80
C GLU B 345 -19.29 1.50 7.84
N ASP B 346 -19.46 1.93 9.09
CA ASP B 346 -18.70 1.40 10.22
C ASP B 346 -17.20 1.44 9.92
N HIS B 347 -16.72 2.60 9.49
CA HIS B 347 -15.29 2.80 9.24
C HIS B 347 -14.77 1.80 8.22
N TYR B 348 -15.53 1.63 7.13
CA TYR B 348 -15.14 0.83 5.97
C TYR B 348 -15.01 -0.66 6.30
N LYS B 349 -15.77 -1.13 7.29
CA LYS B 349 -15.63 -2.53 7.71
C LYS B 349 -15.85 -3.50 6.55
N LYS B 350 -16.95 -3.34 5.80
CA LYS B 350 -17.24 -4.29 4.73
C LYS B 350 -16.31 -4.11 3.55
N TYR B 351 -15.88 -2.87 3.27
CA TYR B 351 -14.89 -2.67 2.22
C TYR B 351 -13.59 -3.42 2.53
N LEU B 352 -13.10 -3.28 3.76
CA LEU B 352 -11.81 -3.89 4.09
C LEU B 352 -11.89 -5.41 3.94
N ALA B 353 -13.00 -6.00 4.40
CA ALA B 353 -13.21 -7.43 4.25
C ALA B 353 -13.32 -7.84 2.79
N LYS B 354 -14.00 -7.03 1.98
CA LYS B 354 -14.15 -7.38 0.56
C LYS B 354 -12.83 -7.30 -0.18
N LEU B 355 -12.05 -6.23 0.07
CA LEU B 355 -10.75 -6.09 -0.58
C LEU B 355 -9.87 -7.31 -0.30
N ARG B 356 -9.89 -7.81 0.94
CA ARG B 356 -9.06 -8.94 1.33
C ARG B 356 -9.61 -10.27 0.86
N SER B 357 -10.80 -10.30 0.26
CA SER B 357 -11.35 -11.56 -0.24
C SER B 357 -11.31 -11.70 -1.76
N ILE B 358 -11.23 -10.61 -2.53
CA ILE B 358 -11.40 -10.73 -3.98
C ILE B 358 -10.14 -11.30 -4.64
N ASN B 359 -10.27 -11.66 -5.91
CA ASN B 359 -9.16 -12.11 -6.72
C ASN B 359 -8.68 -10.93 -7.55
N PRO B 360 -7.46 -10.43 -7.34
CA PRO B 360 -6.99 -9.28 -8.14
C PRO B 360 -6.90 -9.65 -9.60
N PRO B 361 -6.80 -8.65 -10.51
CA PRO B 361 -6.54 -7.23 -10.26
C PRO B 361 -7.69 -6.46 -9.62
N CYS B 362 -7.32 -5.41 -8.88
CA CYS B 362 -8.30 -4.52 -8.27
C CYS B 362 -7.69 -3.12 -8.24
N VAL B 363 -8.53 -2.13 -7.96
CA VAL B 363 -8.07 -0.77 -7.68
C VAL B 363 -8.57 -0.41 -6.28
N PRO B 364 -7.69 -0.44 -5.27
CA PRO B 364 -8.11 -0.05 -3.92
C PRO B 364 -8.48 1.42 -3.84
N PHE B 365 -9.27 1.73 -2.82
CA PHE B 365 -9.45 3.12 -2.39
C PHE B 365 -8.23 3.56 -1.57
N PHE B 366 -7.53 4.61 -2.00
CA PHE B 366 -6.28 4.98 -1.35
C PHE B 366 -6.49 5.70 -0.01
N GLY B 367 -7.63 6.34 0.20
CA GLY B 367 -7.79 7.24 1.35
C GLY B 367 -7.56 6.56 2.69
N ILE B 368 -7.99 5.30 2.82
CA ILE B 368 -7.82 4.59 4.09
C ILE B 368 -6.33 4.40 4.40
N TYR B 369 -5.55 4.05 3.39
CA TYR B 369 -4.10 3.93 3.57
C TYR B 369 -3.50 5.24 4.06
N LEU B 370 -3.92 6.36 3.48
CA LEU B 370 -3.36 7.65 3.84
C LEU B 370 -3.65 7.98 5.31
N THR B 371 -4.90 7.80 5.72
CA THR B 371 -5.23 8.05 7.13
C THR B 371 -4.43 7.14 8.07
N ASN B 372 -4.27 5.87 7.70
CA ASN B 372 -3.54 4.96 8.59
C ASN B 372 -2.06 5.27 8.65
N ILE B 373 -1.44 5.66 7.52
CA ILE B 373 -0.03 6.05 7.57
C ILE B 373 0.14 7.30 8.42
N LEU B 374 -0.72 8.30 8.20
N LEU B 374 -0.71 8.31 8.20
CA LEU B 374 -0.61 9.56 8.93
CA LEU B 374 -0.60 9.56 8.94
C LEU B 374 -0.76 9.35 10.44
C LEU B 374 -0.74 9.32 10.44
N LYS B 375 -1.76 8.57 10.84
CA LYS B 375 -2.00 8.37 12.27
C LYS B 375 -0.92 7.51 12.91
N THR B 376 -0.39 6.54 12.16
CA THR B 376 0.75 5.77 12.68
C THR B 376 1.95 6.68 12.92
N GLU B 377 2.23 7.59 11.99
N GLU B 377 2.21 7.62 12.02
CA GLU B 377 3.35 8.52 12.15
CA GLU B 377 3.37 8.48 12.18
C GLU B 377 3.11 9.45 13.33
C GLU B 377 3.15 9.53 13.26
N GLU B 378 1.91 10.00 13.42
CA GLU B 378 1.61 11.01 14.42
C GLU B 378 1.42 10.41 15.81
N GLY B 379 1.01 9.15 15.90
CA GLY B 379 0.66 8.57 17.18
C GLY B 379 1.73 7.75 17.86
N ASN B 380 2.94 7.69 17.30
CA ASN B 380 4.03 6.91 17.87
C ASN B 380 5.30 7.75 17.93
N PRO B 381 6.12 7.60 18.96
CA PRO B 381 7.32 8.44 19.06
C PRO B 381 8.45 7.95 18.17
N GLU B 382 9.30 8.89 17.77
CA GLU B 382 10.44 8.55 16.93
C GLU B 382 11.46 7.71 17.68
N VAL B 383 11.64 7.98 18.98
CA VAL B 383 12.64 7.27 19.76
C VAL B 383 12.01 6.71 21.02
N LEU B 384 12.62 5.66 21.56
CA LEU B 384 12.31 5.15 22.89
C LEU B 384 13.52 5.41 23.78
N LYS B 385 13.29 5.92 24.99
CA LYS B 385 14.36 6.21 25.94
C LYS B 385 14.48 5.04 26.90
N ARG B 386 15.68 4.45 26.96
CA ARG B 386 15.94 3.27 27.77
C ARG B 386 17.34 3.38 28.34
N HIS B 387 17.45 3.31 29.67
CA HIS B 387 18.76 3.27 30.34
C HIS B 387 19.63 4.45 29.93
N GLY B 388 19.03 5.64 29.85
CA GLY B 388 19.73 6.83 29.45
C GLY B 388 20.02 6.97 27.96
N LYS B 389 19.67 5.98 27.16
CA LYS B 389 19.97 5.99 25.73
C LYS B 389 18.70 6.27 24.94
N GLU B 390 18.87 6.89 23.77
CA GLU B 390 17.75 7.07 22.85
C GLU B 390 17.88 6.02 21.76
N LEU B 391 16.89 5.15 21.66
CA LEU B 391 16.86 4.09 20.65
C LEU B 391 15.82 4.44 19.59
N ILE B 392 16.16 4.15 18.33
CA ILE B 392 15.20 4.35 17.25
C ILE B 392 14.01 3.43 17.45
N ASN B 393 12.81 4.01 17.40
CA ASN B 393 11.58 3.22 17.55
C ASN B 393 11.29 2.53 16.21
N PHE B 394 11.77 1.30 16.06
CA PHE B 394 11.63 0.66 14.76
C PHE B 394 10.24 0.06 14.56
N SER B 395 9.55 -0.31 15.65
N SER B 395 9.56 -0.32 15.65
N SER B 395 9.53 -0.29 15.65
CA SER B 395 8.19 -0.83 15.50
CA SER B 395 8.20 -0.82 15.54
CA SER B 395 8.19 -0.84 15.50
C SER B 395 7.29 0.15 14.76
C SER B 395 7.31 0.15 14.76
C SER B 395 7.21 0.15 14.88
N LYS B 396 7.49 1.46 15.00
CA LYS B 396 6.67 2.44 14.29
C LYS B 396 6.93 2.40 12.79
N ARG B 397 8.20 2.23 12.40
CA ARG B 397 8.54 2.15 10.98
C ARG B 397 8.02 0.85 10.35
N ARG B 398 8.06 -0.25 11.10
CA ARG B 398 7.50 -1.50 10.60
C ARG B 398 6.00 -1.35 10.30
N LYS B 399 5.27 -0.64 11.18
CA LYS B 399 3.84 -0.45 10.94
C LYS B 399 3.57 0.35 9.67
N VAL B 400 4.36 1.41 9.44
CA VAL B 400 4.22 2.17 8.20
C VAL B 400 4.52 1.29 6.98
N ALA B 401 5.60 0.51 7.06
CA ALA B 401 5.98 -0.34 5.93
C ALA B 401 5.01 -1.52 5.73
N GLU B 402 4.26 -1.91 6.75
CA GLU B 402 3.19 -2.89 6.50
C GLU B 402 2.13 -2.29 5.62
N ILE B 403 1.84 -1.00 5.79
CA ILE B 403 0.84 -0.36 4.94
C ILE B 403 1.38 -0.15 3.53
N THR B 404 2.61 0.37 3.40
CA THR B 404 3.14 0.53 2.04
C THR B 404 3.31 -0.82 1.34
N GLY B 405 3.60 -1.89 2.10
CA GLY B 405 3.67 -3.21 1.49
C GLY B 405 2.34 -3.70 0.96
N GLU B 406 1.25 -3.42 1.70
N GLU B 406 1.25 -3.44 1.70
CA GLU B 406 -0.09 -3.79 1.24
CA GLU B 406 -0.07 -3.81 1.20
C GLU B 406 -0.46 -3.03 -0.02
C GLU B 406 -0.39 -3.05 -0.07
N ILE B 407 -0.12 -1.73 -0.08
CA ILE B 407 -0.32 -0.94 -1.29
C ILE B 407 0.41 -1.56 -2.47
N GLN B 408 1.70 -1.89 -2.28
CA GLN B 408 2.50 -2.43 -3.37
C GLN B 408 1.97 -3.77 -3.85
N GLN B 409 1.45 -4.60 -2.93
CA GLN B 409 0.97 -5.92 -3.33
C GLN B 409 -0.14 -5.80 -4.37
N TYR B 410 -1.04 -4.81 -4.21
CA TYR B 410 -2.12 -4.61 -5.19
C TYR B 410 -1.68 -3.85 -6.43
N GLN B 411 -0.44 -3.33 -6.46
CA GLN B 411 0.06 -2.65 -7.66
C GLN B 411 0.64 -3.60 -8.69
N ASN B 412 0.74 -4.90 -8.39
CA ASN B 412 1.47 -5.80 -9.27
C ASN B 412 0.61 -6.29 -10.44
N GLN B 413 -0.68 -6.55 -10.21
CA GLN B 413 -1.50 -7.32 -11.15
C GLN B 413 -2.12 -6.39 -12.19
N PRO B 414 -1.89 -6.61 -13.49
CA PRO B 414 -2.46 -5.73 -14.51
C PRO B 414 -3.82 -6.22 -14.98
N TYR B 415 -4.64 -5.27 -15.43
CA TYR B 415 -5.95 -5.61 -15.97
C TYR B 415 -5.84 -6.10 -17.41
N CYS B 416 -6.60 -7.15 -17.72
CA CYS B 416 -6.66 -7.68 -19.08
C CYS B 416 -7.83 -7.00 -19.82
N LEU B 417 -7.62 -5.72 -20.11
CA LEU B 417 -8.58 -4.90 -20.84
C LEU B 417 -7.84 -4.07 -21.86
N ARG B 418 -8.45 -3.87 -23.03
CA ARG B 418 -7.83 -3.13 -24.12
C ARG B 418 -8.09 -1.64 -23.95
N VAL B 419 -7.03 -0.82 -24.11
CA VAL B 419 -7.20 0.63 -24.09
C VAL B 419 -7.90 1.09 -25.35
N GLU B 420 -8.85 2.01 -25.21
CA GLU B 420 -9.43 2.75 -26.34
C GLU B 420 -8.90 4.19 -26.21
N SER B 421 -8.00 4.57 -27.12
N SER B 421 -8.00 4.58 -27.12
CA SER B 421 -7.23 5.81 -26.93
CA SER B 421 -7.24 5.81 -26.90
C SER B 421 -8.13 7.04 -26.90
C SER B 421 -8.13 7.05 -26.89
N ASP B 422 -9.18 7.06 -27.72
CA ASP B 422 -10.08 8.23 -27.73
C ASP B 422 -10.92 8.32 -26.45
N ILE B 423 -11.44 7.19 -25.98
CA ILE B 423 -12.20 7.23 -24.72
C ILE B 423 -11.28 7.56 -23.56
N LYS B 424 -10.07 7.02 -23.56
N LYS B 424 -10.07 7.01 -23.57
CA LYS B 424 -9.08 7.38 -22.54
CA LYS B 424 -9.08 7.37 -22.55
C LYS B 424 -8.82 8.88 -22.53
C LYS B 424 -8.83 8.87 -22.53
N ARG B 425 -8.64 9.48 -23.72
CA ARG B 425 -8.36 10.91 -23.79
C ARG B 425 -9.56 11.71 -23.30
N PHE B 426 -10.77 11.28 -23.64
CA PHE B 426 -11.98 11.97 -23.16
C PHE B 426 -12.00 12.06 -21.64
N PHE B 427 -11.70 10.94 -20.95
CA PHE B 427 -11.75 10.99 -19.50
C PHE B 427 -10.52 11.68 -18.90
N GLU B 428 -9.37 11.62 -19.58
CA GLU B 428 -8.21 12.38 -19.10
C GLU B 428 -8.45 13.88 -19.15
N ASN B 429 -9.23 14.35 -20.12
CA ASN B 429 -9.44 15.78 -20.32
C ASN B 429 -10.69 16.30 -19.64
N LEU B 430 -11.44 15.45 -18.94
CA LEU B 430 -12.64 15.89 -18.22
C LEU B 430 -12.28 17.02 -17.26
N ASN B 431 -13.08 18.08 -17.27
CA ASN B 431 -12.81 19.24 -16.42
C ASN B 431 -14.12 19.89 -16.02
N PRO B 432 -14.89 19.23 -15.14
CA PRO B 432 -16.24 19.75 -14.84
C PRO B 432 -16.24 21.13 -14.21
N MET B 433 -15.22 21.49 -13.43
CA MET B 433 -15.21 22.82 -12.80
C MET B 433 -14.85 23.94 -13.77
N GLY B 434 -14.28 23.62 -14.94
CA GLY B 434 -13.88 24.70 -15.84
C GLY B 434 -12.86 25.60 -15.17
N ASN B 435 -13.02 26.92 -15.34
CA ASN B 435 -12.13 27.87 -14.67
C ASN B 435 -12.64 28.31 -13.30
N SER B 436 -13.73 27.72 -12.81
CA SER B 436 -14.32 28.14 -11.56
C SER B 436 -13.53 27.61 -10.38
N MET B 437 -13.50 28.39 -9.31
CA MET B 437 -12.95 27.89 -8.05
C MET B 437 -13.92 26.90 -7.40
N GLU B 438 -13.40 26.13 -6.43
CA GLU B 438 -14.16 25.03 -5.84
C GLU B 438 -15.46 25.51 -5.19
N LYS B 439 -15.39 26.56 -4.36
CA LYS B 439 -16.60 26.98 -3.66
C LYS B 439 -17.67 27.47 -4.63
N GLU B 440 -17.27 28.30 -5.59
CA GLU B 440 -18.16 28.79 -6.63
C GLU B 440 -18.82 27.63 -7.38
N PHE B 441 -18.05 26.60 -7.71
CA PHE B 441 -18.60 25.48 -8.46
C PHE B 441 -19.53 24.63 -7.60
N THR B 442 -19.16 24.30 -6.36
CA THR B 442 -20.03 23.45 -5.59
C THR B 442 -21.30 24.20 -5.15
N ASP B 443 -21.22 25.52 -4.98
CA ASP B 443 -22.43 26.31 -4.75
C ASP B 443 -23.33 26.30 -5.98
N TYR B 444 -22.72 26.33 -7.17
CA TYR B 444 -23.49 26.23 -8.41
C TYR B 444 -24.25 24.90 -8.47
N LEU B 445 -23.57 23.80 -8.14
CA LEU B 445 -24.24 22.50 -8.19
C LEU B 445 -25.39 22.43 -7.21
N PHE B 446 -25.21 22.97 -6.01
CA PHE B 446 -26.28 22.93 -5.02
C PHE B 446 -27.45 23.82 -5.45
N ASN B 447 -27.15 24.98 -6.02
CA ASN B 447 -28.22 25.85 -6.51
C ASN B 447 -28.97 25.21 -7.68
N LYS B 448 -28.27 24.46 -8.54
N LYS B 448 -28.27 24.44 -8.51
CA LYS B 448 -28.99 23.71 -9.58
CA LYS B 448 -28.93 23.70 -9.57
C LYS B 448 -29.90 22.67 -8.95
C LYS B 448 -29.85 22.63 -8.99
N SER B 449 -29.42 21.97 -7.92
CA SER B 449 -30.26 21.00 -7.22
C SER B 449 -31.54 21.66 -6.71
N LEU B 450 -31.41 22.84 -6.09
CA LEU B 450 -32.60 23.55 -5.58
C LEU B 450 -33.53 23.97 -6.72
N GLU B 451 -32.97 24.30 -7.88
CA GLU B 451 -33.80 24.69 -9.02
C GLU B 451 -34.65 23.51 -9.52
N ILE B 452 -34.03 22.34 -9.69
CA ILE B 452 -34.71 21.22 -10.34
C ILE B 452 -35.64 20.48 -9.38
N GLU B 453 -35.36 20.47 -8.08
CA GLU B 453 -36.26 19.90 -7.08
C GLU B 453 -36.29 20.84 -5.89
N PRO B 454 -37.17 21.84 -5.90
CA PRO B 454 -37.20 22.84 -4.84
C PRO B 454 -37.55 22.25 -3.47
N ARG B 455 -37.11 22.94 -2.42
N ARG B 455 -37.10 22.93 -2.42
CA ARG B 455 -37.47 22.55 -1.07
CA ARG B 455 -37.47 22.57 -1.05
C ARG B 455 -38.98 22.64 -0.87
C ARG B 455 -38.98 22.64 -0.87
N ASN B 456 -39.53 21.64 -0.20
CA ASN B 456 -40.94 21.72 0.19
C ASN B 456 -41.17 22.97 1.03
N PRO B 457 -42.33 23.64 0.91
CA PRO B 457 -43.49 23.24 0.12
C PRO B 457 -43.55 23.85 -1.28
N LYS B 458 -42.42 24.30 -1.82
CA LYS B 458 -42.43 24.84 -3.17
C LYS B 458 -42.80 23.74 -4.16
N PRO B 459 -43.60 24.05 -5.18
CA PRO B 459 -44.02 23.00 -6.12
C PRO B 459 -42.89 22.55 -7.02
N LEU B 460 -43.00 21.32 -7.48
CA LEU B 460 -42.02 20.75 -8.40
C LEU B 460 -42.30 21.29 -9.80
N PRO B 461 -41.36 22.01 -10.41
CA PRO B 461 -41.57 22.48 -11.79
C PRO B 461 -41.33 21.37 -12.80
N ARG B 462 -41.70 21.66 -14.04
CA ARG B 462 -41.39 20.81 -15.18
C ARG B 462 -40.30 21.48 -16.01
N PHE B 463 -39.50 20.66 -16.69
CA PHE B 463 -38.39 21.19 -17.49
C PHE B 463 -38.35 20.48 -18.83
N PRO B 464 -37.92 21.15 -19.89
CA PRO B 464 -37.85 20.50 -21.21
C PRO B 464 -36.69 19.51 -21.29
N LYS B 465 -36.85 18.53 -22.18
CA LYS B 465 -35.78 17.56 -22.45
C LYS B 465 -34.59 18.25 -23.09
N LYS B 466 -33.39 17.70 -22.82
CA LYS B 466 -32.16 18.22 -23.41
C LYS B 466 -31.44 17.23 -24.32
N TYR B 467 -31.77 15.94 -24.27
CA TYR B 467 -31.09 14.93 -25.09
C TYR B 467 -31.96 14.56 -26.28
N SER B 468 -31.35 14.52 -27.46
CA SER B 468 -32.09 14.20 -28.68
C SER B 468 -31.95 12.74 -29.10
N TYR B 469 -31.17 11.95 -28.38
CA TYR B 469 -30.92 10.56 -28.69
C TYR B 469 -31.65 9.65 -27.69
N PRO B 470 -31.74 8.34 -27.98
CA PRO B 470 -32.48 7.45 -27.07
C PRO B 470 -31.82 7.36 -25.71
N LEU B 471 -32.64 7.37 -24.67
CA LEU B 471 -32.17 7.26 -23.30
C LEU B 471 -32.07 5.81 -22.82
N LYS B 472 -32.60 4.86 -23.58
CA LYS B 472 -32.58 3.47 -23.11
C LYS B 472 -31.16 2.94 -23.03
N SER B 473 -30.81 2.36 -21.88
CA SER B 473 -29.47 1.81 -21.71
C SER B 473 -29.30 0.53 -22.52
N PRO B 474 -28.11 0.30 -23.09
CA PRO B 474 -27.84 -1.02 -23.67
C PRO B 474 -27.57 -2.10 -22.63
N GLY B 475 -27.52 -1.75 -21.33
CA GLY B 475 -27.26 -2.71 -20.28
C GLY B 475 -25.77 -2.95 -20.08
N VAL B 476 -25.45 -3.73 -19.05
CA VAL B 476 -24.06 -3.94 -18.71
C VAL B 476 -23.64 -5.40 -18.80
N ARG B 477 -24.40 -6.21 -19.54
CA ARG B 477 -23.88 -7.54 -19.84
C ARG B 477 -23.15 -7.51 -21.18
N PRO B 478 -21.93 -8.04 -21.25
CA PRO B 478 -21.13 -7.89 -22.47
C PRO B 478 -21.63 -8.78 -23.59
N SER B 479 -21.34 -8.34 -24.81
CA SER B 479 -21.71 -9.05 -26.04
C SER B 479 -20.45 -9.66 -26.64
N ASN B 480 -20.64 -10.67 -27.49
CA ASN B 480 -19.49 -11.37 -28.08
C ASN B 480 -19.84 -11.89 -29.46
N PRO B 481 -19.58 -11.11 -30.51
CA PRO B 481 -19.64 -11.64 -31.87
C PRO B 481 -18.45 -12.56 -32.13
N ARG B 482 -18.54 -13.31 -33.23
CA ARG B 482 -17.44 -14.19 -33.60
C ARG B 482 -16.25 -13.33 -34.04
N GLY C 1 -28.91 -0.25 25.21
CA GLY C 1 -28.28 0.15 26.46
C GLY C 1 -27.80 1.59 26.47
N MET C 2 -26.49 1.78 26.39
CA MET C 2 -25.92 3.11 26.49
C MET C 2 -25.95 3.83 25.15
N THR C 3 -26.02 5.15 25.21
CA THR C 3 -26.09 5.97 24.02
C THR C 3 -24.73 5.98 23.32
N GLU C 4 -24.77 5.93 21.99
CA GLU C 4 -23.58 6.09 21.16
C GLU C 4 -23.67 7.43 20.45
N TYR C 5 -22.60 8.22 20.51
CA TYR C 5 -22.53 9.51 19.82
C TYR C 5 -21.54 9.40 18.67
N LYS C 6 -21.99 9.75 17.48
CA LYS C 6 -21.15 9.74 16.29
C LYS C 6 -20.60 11.15 16.09
N LEU C 7 -19.30 11.32 16.36
CA LEU C 7 -18.62 12.59 16.29
C LEU C 7 -17.71 12.61 15.08
N VAL C 8 -17.59 13.76 14.42
CA VAL C 8 -16.78 13.92 13.22
C VAL C 8 -15.82 15.08 13.42
N VAL C 9 -14.53 14.83 13.19
CA VAL C 9 -13.49 15.86 13.26
C VAL C 9 -13.27 16.42 11.86
N VAL C 10 -13.34 17.75 11.72
CA VAL C 10 -13.10 18.38 10.43
C VAL C 10 -12.07 19.49 10.60
N GLY C 11 -11.34 19.77 9.55
CA GLY C 11 -10.38 20.87 9.61
C GLY C 11 -9.25 20.67 8.62
N ALA C 12 -8.48 21.74 8.46
CA ALA C 12 -7.38 21.75 7.49
C ALA C 12 -6.36 20.65 7.78
N GLY C 13 -5.76 20.13 6.70
CA GLY C 13 -4.71 19.14 6.86
C GLY C 13 -3.34 19.75 7.11
N GLY C 14 -2.39 18.87 7.44
CA GLY C 14 -1.00 19.23 7.54
C GLY C 14 -0.62 20.04 8.77
N VAL C 15 -1.53 20.20 9.73
CA VAL C 15 -1.24 21.04 10.89
C VAL C 15 -1.62 20.34 12.19
N GLY C 16 -1.50 19.01 12.24
CA GLY C 16 -1.60 18.28 13.51
C GLY C 16 -3.00 17.97 14.00
N LYS C 17 -4.02 18.12 13.16
CA LYS C 17 -5.41 17.84 13.55
C LYS C 17 -5.57 16.44 14.15
N SER C 18 -4.85 15.44 13.62
CA SER C 18 -5.07 14.05 14.08
C SER C 18 -4.66 13.83 15.53
N ALA C 19 -3.86 14.73 16.12
CA ALA C 19 -3.41 14.52 17.49
C ALA C 19 -4.57 14.54 18.48
N LEU C 20 -5.66 15.23 18.14
CA LEU C 20 -6.79 15.37 19.05
C LEU C 20 -7.41 14.01 19.37
N THR C 21 -7.80 13.26 18.35
CA THR C 21 -8.45 11.98 18.57
C THR C 21 -7.46 10.93 19.07
N ILE C 22 -6.23 10.93 18.54
CA ILE C 22 -5.21 10.01 19.02
C ILE C 22 -5.01 10.17 20.52
N GLN C 23 -4.87 11.42 21.00
CA GLN C 23 -4.60 11.62 22.42
C GLN C 23 -5.81 11.23 23.28
N LEU C 24 -7.02 11.46 22.78
CA LEU C 24 -8.23 11.02 23.49
C LEU C 24 -8.27 9.51 23.63
N ILE C 25 -8.30 8.81 22.48
CA ILE C 25 -8.52 7.38 22.41
C ILE C 25 -7.33 6.64 22.99
N GLN C 26 -6.15 7.25 22.90
CA GLN C 26 -4.91 6.59 23.28
C GLN C 26 -5.03 5.94 24.64
N ASN C 27 -4.27 4.88 24.83
CA ASN C 27 -3.70 4.64 26.13
C ASN C 27 -3.19 6.00 26.57
N HIS C 28 -3.96 6.70 27.42
CA HIS C 28 -3.59 8.05 27.83
C HIS C 28 -2.14 8.11 28.28
N PHE C 29 -1.67 7.07 28.97
CA PHE C 29 -0.38 7.07 29.64
C PHE C 29 0.69 6.23 28.94
N VAL C 30 0.43 5.69 27.75
CA VAL C 30 1.50 5.16 26.91
C VAL C 30 1.36 5.75 25.53
N ASP C 31 2.40 6.44 25.06
CA ASP C 31 2.37 7.14 23.79
C ASP C 31 2.59 6.11 22.67
N GLU C 32 1.48 5.54 22.20
CA GLU C 32 1.49 4.45 21.23
C GLU C 32 0.15 4.44 20.50
N TYR C 33 0.12 3.87 19.29
CA TYR C 33 -1.10 3.87 18.51
C TYR C 33 -0.99 2.92 17.31
N ASP C 34 -2.03 2.10 17.11
CA ASP C 34 -2.22 1.39 15.85
C ASP C 34 -3.62 1.74 15.34
N PRO C 35 -3.72 2.61 14.33
CA PRO C 35 -5.06 3.02 13.85
C PRO C 35 -5.77 1.94 13.08
N THR C 36 -5.05 0.90 12.65
CA THR C 36 -5.70 -0.16 11.87
C THR C 36 -6.54 -1.07 12.74
N ILE C 37 -6.41 -0.95 14.06
CA ILE C 37 -7.03 -1.90 14.97
C ILE C 37 -8.50 -1.56 15.11
N GLU C 38 -9.34 -2.52 14.75
CA GLU C 38 -10.78 -2.49 14.98
C GLU C 38 -11.10 -1.74 16.27
N ASP C 39 -11.77 -0.61 16.13
CA ASP C 39 -12.21 0.21 17.27
C ASP C 39 -11.02 0.87 17.96
N SER C 40 -10.12 1.44 17.17
N SER C 40 -10.12 1.44 17.17
CA SER C 40 -9.17 2.45 17.63
CA SER C 40 -9.18 2.45 17.65
C SER C 40 -9.79 3.84 17.61
C SER C 40 -9.79 3.85 17.60
N TYR C 41 -11.11 3.92 17.41
CA TYR C 41 -11.84 5.17 17.27
C TYR C 41 -13.16 5.09 18.04
N ARG C 42 -13.26 4.14 18.96
CA ARG C 42 -14.42 4.00 19.84
C ARG C 42 -13.93 4.01 21.29
N LYS C 43 -14.63 4.73 22.15
CA LYS C 43 -14.21 4.88 23.53
C LYS C 43 -15.43 5.07 24.41
N GLN C 44 -15.53 4.24 25.44
CA GLN C 44 -16.57 4.36 26.46
C GLN C 44 -16.12 5.36 27.51
N VAL C 45 -16.97 6.35 27.79
CA VAL C 45 -16.63 7.43 28.70
C VAL C 45 -17.82 7.72 29.61
N VAL C 46 -17.55 8.41 30.71
CA VAL C 46 -18.58 8.88 31.64
C VAL C 46 -18.56 10.40 31.63
N ILE C 47 -19.65 11.01 31.19
CA ILE C 47 -19.77 12.45 31.07
C ILE C 47 -20.94 12.89 31.93
N ASP C 48 -20.66 13.70 32.95
CA ASP C 48 -21.68 14.17 33.89
C ASP C 48 -22.43 13.01 34.50
N GLY C 49 -21.68 11.95 34.85
CA GLY C 49 -22.25 10.79 35.50
C GLY C 49 -22.98 9.82 34.59
N GLU C 50 -23.07 10.10 33.29
CA GLU C 50 -23.79 9.24 32.37
C GLU C 50 -22.82 8.55 31.42
N THR C 51 -22.82 7.22 31.42
CA THR C 51 -21.92 6.46 30.57
C THR C 51 -22.42 6.44 29.13
N CYS C 52 -21.49 6.67 28.20
CA CYS C 52 -21.84 6.63 26.78
C CYS C 52 -20.64 6.13 25.99
N LEU C 53 -20.88 5.90 24.70
CA LEU C 53 -19.87 5.42 23.77
C LEU C 53 -19.62 6.50 22.72
N LEU C 54 -18.37 6.89 22.54
CA LEU C 54 -18.00 7.84 21.48
C LEU C 54 -17.47 7.06 20.29
N ASP C 55 -18.04 7.32 19.13
CA ASP C 55 -17.53 6.79 17.86
C ASP C 55 -17.01 7.99 17.08
N ILE C 56 -15.69 8.07 16.88
CA ILE C 56 -15.07 9.28 16.33
C ILE C 56 -14.57 9.00 14.92
N LEU C 57 -15.05 9.78 13.96
CA LEU C 57 -14.56 9.73 12.58
C LEU C 57 -13.55 10.86 12.40
N ASP C 58 -12.31 10.50 12.10
CA ASP C 58 -11.27 11.48 11.80
C ASP C 58 -10.57 10.98 10.53
N THR C 59 -10.87 11.62 9.39
CA THR C 59 -10.30 11.22 8.11
C THR C 59 -9.02 11.98 7.78
N ALA C 60 -8.31 12.45 8.80
CA ALA C 60 -7.04 13.14 8.61
C ALA C 60 -6.19 12.43 7.56
N GLY C 61 -5.63 13.22 6.64
CA GLY C 61 -4.85 12.70 5.53
C GLY C 61 -5.62 12.59 4.23
N GLN C 62 -6.95 12.62 4.29
CA GLN C 62 -7.79 12.52 3.08
C GLN C 62 -8.31 13.87 2.62
N GLU C 63 -7.69 14.96 3.06
CA GLU C 63 -8.25 16.28 2.78
C GLU C 63 -8.34 16.56 1.28
N GLU C 64 -7.46 15.97 0.46
CA GLU C 64 -7.53 16.24 -0.96
C GLU C 64 -8.74 15.58 -1.64
N TYR C 65 -9.33 14.55 -1.01
CA TYR C 65 -10.58 13.96 -1.51
C TYR C 65 -11.76 14.88 -1.15
N SER C 66 -11.76 16.07 -1.75
CA SER C 66 -12.70 17.10 -1.32
C SER C 66 -14.16 16.74 -1.64
N ALA C 67 -14.39 15.92 -2.67
CA ALA C 67 -15.76 15.57 -3.00
C ALA C 67 -16.33 14.47 -2.10
N MET C 68 -15.53 13.92 -1.18
CA MET C 68 -16.02 12.96 -0.20
C MET C 68 -16.45 13.61 1.10
N ARG C 69 -16.20 14.90 1.28
CA ARG C 69 -16.48 15.54 2.56
C ARG C 69 -17.96 15.44 2.92
N ASP C 70 -18.85 15.67 1.96
CA ASP C 70 -20.29 15.59 2.25
C ASP C 70 -20.65 14.22 2.82
N GLN C 71 -20.18 13.16 2.17
N GLN C 71 -20.18 13.16 2.17
CA GLN C 71 -20.52 11.81 2.62
CA GLN C 71 -20.52 11.82 2.61
C GLN C 71 -20.02 11.55 4.04
C GLN C 71 -20.02 11.54 4.03
N TYR C 72 -18.76 11.89 4.30
CA TYR C 72 -18.20 11.71 5.64
C TYR C 72 -18.96 12.53 6.67
N MET C 73 -19.25 13.80 6.35
CA MET C 73 -19.93 14.66 7.32
C MET C 73 -21.32 14.17 7.64
N ARG C 74 -22.04 13.59 6.66
CA ARG C 74 -23.42 13.22 6.94
C ARG C 74 -23.51 12.13 8.01
N THR C 75 -22.43 11.36 8.23
CA THR C 75 -22.48 10.33 9.26
C THR C 75 -22.54 10.90 10.69
N GLY C 76 -22.28 12.19 10.88
CA GLY C 76 -22.06 12.73 12.21
C GLY C 76 -23.28 13.39 12.85
N GLU C 77 -23.37 13.27 14.17
CA GLU C 77 -24.32 14.02 14.97
C GLU C 77 -23.73 15.30 15.55
N GLY C 78 -22.43 15.32 15.76
CA GLY C 78 -21.75 16.50 16.29
C GLY C 78 -20.37 16.61 15.68
N PHE C 79 -19.84 17.84 15.64
CA PHE C 79 -18.65 18.12 14.86
C PHE C 79 -17.64 18.93 15.67
N LEU C 80 -16.37 18.53 15.60
CA LEU C 80 -15.26 19.34 16.09
C LEU C 80 -14.62 20.00 14.88
N CYS C 81 -14.70 21.32 14.81
CA CYS C 81 -14.06 22.10 13.74
C CYS C 81 -12.73 22.58 14.27
N VAL C 82 -11.64 22.06 13.71
CA VAL C 82 -10.29 22.21 14.28
C VAL C 82 -9.45 23.09 13.37
N PHE C 83 -8.76 24.07 13.96
CA PHE C 83 -7.72 24.83 13.26
C PHE C 83 -6.47 24.82 14.13
N ALA C 84 -5.33 25.16 13.54
CA ALA C 84 -4.06 25.25 14.26
C ALA C 84 -3.80 26.71 14.64
N ILE C 85 -3.41 26.95 15.89
CA ILE C 85 -3.25 28.32 16.34
C ILE C 85 -2.04 29.00 15.74
N ASN C 86 -1.15 28.27 15.05
CA ASN C 86 -0.08 28.91 14.31
C ASN C 86 -0.31 28.90 12.80
N ASN C 87 -1.55 28.71 12.34
CA ASN C 87 -1.82 28.68 10.89
C ASN C 87 -3.10 29.46 10.63
N THR C 88 -2.94 30.74 10.26
N THR C 88 -2.95 30.74 10.25
CA THR C 88 -4.09 31.61 10.06
CA THR C 88 -4.12 31.59 10.09
C THR C 88 -5.02 31.07 8.99
C THR C 88 -5.03 31.10 8.97
N LYS C 89 -4.46 30.49 7.91
CA LYS C 89 -5.31 29.95 6.85
C LYS C 89 -6.27 28.90 7.38
N SER C 90 -5.79 27.98 8.23
CA SER C 90 -6.68 26.97 8.79
C SER C 90 -7.80 27.60 9.62
N PHE C 91 -7.52 28.73 10.26
CA PHE C 91 -8.56 29.45 11.01
C PHE C 91 -9.56 30.09 10.05
N GLU C 92 -9.07 30.69 8.96
CA GLU C 92 -9.96 31.29 7.98
C GLU C 92 -10.81 30.24 7.25
N ASP C 93 -10.34 29.00 7.17
CA ASP C 93 -11.14 27.92 6.57
C ASP C 93 -12.37 27.54 7.39
N ILE C 94 -12.43 27.93 8.67
CA ILE C 94 -13.48 27.40 9.56
C ILE C 94 -14.86 27.77 9.05
N HIS C 95 -15.03 29.02 8.58
CA HIS C 95 -16.35 29.46 8.12
C HIS C 95 -16.92 28.52 7.08
N GLN C 96 -16.11 28.10 6.11
CA GLN C 96 -16.64 27.25 5.04
C GLN C 96 -16.92 25.83 5.52
N TYR C 97 -16.11 25.30 6.45
CA TYR C 97 -16.45 24.01 7.05
C TYR C 97 -17.80 24.06 7.74
N ARG C 98 -18.05 25.12 8.52
CA ARG C 98 -19.32 25.23 9.22
C ARG C 98 -20.48 25.35 8.24
N GLU C 99 -20.31 26.16 7.19
CA GLU C 99 -21.37 26.29 6.20
C GLU C 99 -21.65 24.95 5.52
N GLN C 100 -20.61 24.18 5.26
CA GLN C 100 -20.79 22.89 4.62
C GLN C 100 -21.49 21.89 5.53
N ILE C 101 -21.14 21.89 6.82
CA ILE C 101 -21.83 21.03 7.78
C ILE C 101 -23.31 21.35 7.83
N LYS C 102 -23.65 22.65 7.91
CA LYS C 102 -25.06 23.05 7.95
C LYS C 102 -25.82 22.58 6.71
N ARG C 103 -25.18 22.67 5.54
CA ARG C 103 -25.82 22.22 4.32
C ARG C 103 -26.03 20.71 4.32
N VAL C 104 -25.00 19.93 4.69
N VAL C 104 -24.98 19.95 4.67
CA VAL C 104 -25.15 18.48 4.60
CA VAL C 104 -25.07 18.49 4.66
C VAL C 104 -26.10 17.95 5.66
C VAL C 104 -26.13 18.01 5.63
N LYS C 105 -26.17 18.59 6.83
CA LYS C 105 -27.12 18.20 7.85
C LYS C 105 -28.49 18.83 7.63
N ASP C 106 -28.58 19.80 6.70
CA ASP C 106 -29.83 20.53 6.42
C ASP C 106 -30.42 21.14 7.69
N SER C 107 -29.57 21.82 8.45
CA SER C 107 -29.98 22.45 9.70
C SER C 107 -29.10 23.66 9.97
N ASP C 108 -29.69 24.70 10.53
CA ASP C 108 -28.91 25.86 10.93
C ASP C 108 -28.37 25.74 12.34
N ASP C 109 -28.72 24.66 13.06
CA ASP C 109 -28.34 24.46 14.46
C ASP C 109 -27.80 23.05 14.62
N VAL C 110 -26.56 22.85 14.20
CA VAL C 110 -25.89 21.54 14.29
C VAL C 110 -24.93 21.59 15.47
N PRO C 111 -24.94 20.59 16.37
CA PRO C 111 -23.99 20.61 17.49
C PRO C 111 -22.55 20.62 17.01
N MET C 112 -21.79 21.62 17.46
CA MET C 112 -20.40 21.70 17.04
C MET C 112 -19.61 22.55 18.03
N VAL C 113 -18.32 22.32 18.04
CA VAL C 113 -17.39 23.08 18.87
C VAL C 113 -16.24 23.54 17.99
N LEU C 114 -15.71 24.72 18.30
CA LEU C 114 -14.52 25.24 17.65
C LEU C 114 -13.31 24.86 18.49
N VAL C 115 -12.30 24.24 17.86
CA VAL C 115 -11.11 23.79 18.59
C VAL C 115 -9.87 24.45 18.00
N GLY C 116 -9.13 25.16 18.83
CA GLY C 116 -7.83 25.70 18.45
C GLY C 116 -6.73 24.81 19.00
N ASN C 117 -5.93 24.25 18.10
CA ASN C 117 -4.96 23.20 18.42
C ASN C 117 -3.54 23.76 18.37
N LYS C 118 -2.78 23.56 19.45
N LYS C 118 -2.78 23.57 19.44
CA LYS C 118 -1.36 23.95 19.49
CA LYS C 118 -1.37 23.98 19.46
C LYS C 118 -0.56 22.72 19.09
C LYS C 118 -0.54 22.74 19.10
N CYS C 119 -0.08 22.70 17.84
CA CYS C 119 0.58 21.51 17.31
C CYS C 119 2.09 21.55 17.39
N ASP C 120 2.69 22.68 17.72
CA ASP C 120 4.14 22.74 17.91
C ASP C 120 4.48 24.02 18.67
N LEU C 121 5.77 24.34 18.71
CA LEU C 121 6.26 25.52 19.40
C LEU C 121 6.49 26.70 18.46
N ALA C 122 6.12 26.57 17.18
CA ALA C 122 6.13 27.72 16.29
C ALA C 122 5.19 28.81 16.81
N ALA C 123 5.43 30.04 16.40
CA ALA C 123 4.77 31.19 17.01
C ALA C 123 3.27 31.16 16.73
N ARG C 124 2.48 31.41 17.76
CA ARG C 124 1.04 31.51 17.58
C ARG C 124 0.70 32.69 16.68
N THR C 125 -0.22 32.49 15.73
CA THR C 125 -0.67 33.59 14.89
C THR C 125 -2.15 33.91 15.02
N VAL C 126 -2.93 33.05 15.67
CA VAL C 126 -4.35 33.30 15.96
C VAL C 126 -4.46 33.47 17.47
N GLU C 127 -4.80 34.67 17.91
CA GLU C 127 -4.96 34.90 19.34
C GLU C 127 -6.28 34.32 19.85
N SER C 128 -6.27 33.96 21.13
N SER C 128 -6.30 33.97 21.12
CA SER C 128 -7.45 33.42 21.80
CA SER C 128 -7.50 33.36 21.68
C SER C 128 -8.68 34.29 21.55
C SER C 128 -8.71 34.30 21.57
N ARG C 129 -8.52 35.61 21.71
CA ARG C 129 -9.64 36.53 21.57
C ARG C 129 -10.27 36.46 20.17
N GLN C 130 -9.44 36.36 19.12
CA GLN C 130 -9.99 36.23 17.77
C GLN C 130 -10.87 34.98 17.67
N ALA C 131 -10.40 33.87 18.21
CA ALA C 131 -11.16 32.62 18.12
C ALA C 131 -12.41 32.65 19.01
N GLN C 132 -12.29 33.24 20.21
CA GLN C 132 -13.48 33.41 21.05
C GLN C 132 -14.54 34.25 20.35
N ASP C 133 -14.12 35.34 19.72
CA ASP C 133 -15.09 36.19 19.01
C ASP C 133 -15.78 35.42 17.88
N LEU C 134 -15.02 34.62 17.13
CA LEU C 134 -15.63 33.83 16.06
C LEU C 134 -16.63 32.83 16.62
N ALA C 135 -16.23 32.09 17.66
CA ALA C 135 -17.14 31.11 18.28
C ALA C 135 -18.41 31.77 18.79
N ARG C 136 -18.27 32.93 19.45
CA ARG C 136 -19.46 33.63 19.94
C ARG C 136 -20.35 34.08 18.80
N SER C 137 -19.76 34.51 17.68
CA SER C 137 -20.59 34.92 16.55
C SER C 137 -21.40 33.74 16.00
N TYR C 138 -20.90 32.52 16.15
CA TYR C 138 -21.61 31.31 15.74
C TYR C 138 -22.50 30.72 16.82
N GLY C 139 -22.37 31.19 18.06
CA GLY C 139 -23.09 30.57 19.16
C GLY C 139 -22.59 29.21 19.57
N ILE C 140 -21.29 28.95 19.49
CA ILE C 140 -20.75 27.63 19.82
C ILE C 140 -19.59 27.80 20.80
N PRO C 141 -19.25 26.72 21.54
CA PRO C 141 -18.10 26.80 22.46
C PRO C 141 -16.77 26.84 21.72
N TYR C 142 -15.75 27.36 22.42
CA TYR C 142 -14.37 27.36 21.95
C TYR C 142 -13.50 26.66 22.98
N ILE C 143 -12.68 25.70 22.53
CA ILE C 143 -11.76 24.97 23.40
C ILE C 143 -10.40 25.01 22.75
N GLU C 144 -9.35 25.29 23.54
CA GLU C 144 -7.99 25.18 23.04
C GLU C 144 -7.33 23.91 23.59
N THR C 145 -6.52 23.27 22.76
CA THR C 145 -5.92 21.99 23.08
C THR C 145 -4.44 22.00 22.72
N SER C 146 -3.67 21.19 23.43
CA SER C 146 -2.27 20.97 23.09
C SER C 146 -2.14 19.61 22.42
N ALA C 147 -1.39 19.55 21.33
CA ALA C 147 -1.15 18.29 20.64
C ALA C 147 -0.10 17.43 21.33
N LYS C 148 0.53 17.93 22.37
CA LYS C 148 1.62 17.22 23.02
C LYS C 148 1.36 16.86 24.48
N THR C 149 0.58 17.64 25.22
CA THR C 149 0.40 17.45 26.65
C THR C 149 -0.95 16.87 27.01
N ARG C 150 -1.82 16.66 26.02
CA ARG C 150 -3.21 16.24 26.17
C ARG C 150 -4.09 17.28 26.84
N GLN C 151 -3.57 18.48 27.13
CA GLN C 151 -4.42 19.49 27.75
C GLN C 151 -5.56 19.88 26.81
N GLY C 152 -6.76 19.99 27.36
CA GLY C 152 -7.93 20.42 26.61
C GLY C 152 -8.62 19.33 25.80
N VAL C 153 -8.00 18.16 25.65
CA VAL C 153 -8.54 17.16 24.73
C VAL C 153 -9.87 16.62 25.25
N GLU C 154 -9.91 16.21 26.51
N GLU C 154 -9.90 16.19 26.51
CA GLU C 154 -11.17 15.71 27.07
CA GLU C 154 -11.15 15.71 27.08
C GLU C 154 -12.24 16.79 27.07
C GLU C 154 -12.22 16.80 27.04
N ASP C 155 -11.85 18.03 27.38
CA ASP C 155 -12.81 19.15 27.38
C ASP C 155 -13.43 19.33 25.99
N ALA C 156 -12.64 19.23 24.92
CA ALA C 156 -13.19 19.42 23.59
C ALA C 156 -14.28 18.38 23.29
N PHE C 157 -13.99 17.11 23.54
CA PHE C 157 -14.96 16.06 23.22
C PHE C 157 -16.15 16.08 24.17
N TYR C 158 -15.91 16.25 25.47
CA TYR C 158 -17.03 16.24 26.42
C TYR C 158 -17.95 17.45 26.19
N THR C 159 -17.36 18.61 25.88
CA THR C 159 -18.19 19.78 25.57
C THR C 159 -19.08 19.51 24.37
N LEU C 160 -18.54 18.86 23.32
CA LEU C 160 -19.37 18.53 22.17
C LEU C 160 -20.52 17.59 22.55
N VAL C 161 -20.23 16.55 23.35
CA VAL C 161 -21.31 15.65 23.78
C VAL C 161 -22.38 16.43 24.55
N ARG C 162 -21.97 17.38 25.38
CA ARG C 162 -22.96 18.19 26.09
C ARG C 162 -23.79 19.02 25.12
N GLU C 163 -23.19 19.54 24.05
CA GLU C 163 -23.95 20.26 23.02
C GLU C 163 -24.99 19.35 22.37
N ILE C 164 -24.63 18.10 22.09
CA ILE C 164 -25.59 17.15 21.53
C ILE C 164 -26.72 16.90 22.53
N ARG C 165 -26.35 16.65 23.80
CA ARG C 165 -27.36 16.33 24.80
C ARG C 165 -28.33 17.49 25.01
N GLN C 166 -27.85 18.72 24.89
CA GLN C 166 -28.68 19.89 25.17
C GLN C 166 -29.28 20.50 23.91
N HIS C 167 -29.13 19.84 22.76
CA HIS C 167 -29.66 20.37 21.50
C HIS C 167 -31.19 20.47 21.55
PG GNP D . 19.82 -17.07 -10.04
O1G GNP D . 19.06 -16.02 -9.27
O2G GNP D . 21.26 -16.64 -10.29
O3G GNP D . 19.86 -18.39 -9.34
N3B GNP D . 19.12 -17.25 -11.49
PB GNP D . 17.57 -17.61 -11.81
O1B GNP D . 16.71 -16.71 -11.01
O2B GNP D . 17.34 -19.07 -11.64
O3A GNP D . 17.34 -17.30 -13.30
PA GNP D . 16.75 -16.03 -13.97
O1A GNP D . 15.29 -15.94 -13.74
O2A GNP D . 17.57 -14.84 -13.64
O5' GNP D . 16.86 -16.29 -15.52
C5' GNP D . 18.12 -16.57 -16.15
C4' GNP D . 18.02 -16.30 -17.64
O4' GNP D . 17.15 -17.29 -18.25
C3' GNP D . 17.45 -14.94 -18.01
O3' GNP D . 18.11 -14.45 -19.16
C2' GNP D . 16.00 -15.25 -18.36
O2' GNP D . 15.44 -14.33 -19.27
C1' GNP D . 16.12 -16.65 -18.96
N9 GNP D . 14.90 -17.43 -18.75
C8 GNP D . 14.28 -17.68 -17.54
N7 GNP D . 13.20 -18.40 -17.66
C5 GNP D . 13.09 -18.64 -19.03
C6 GNP D . 12.12 -19.36 -19.78
O6 GNP D . 11.12 -19.95 -19.34
N1 GNP D . 12.39 -19.37 -21.15
C2 GNP D . 13.47 -18.74 -21.73
N2 GNP D . 13.60 -18.84 -23.07
N3 GNP D . 14.39 -18.07 -21.04
C4 GNP D . 14.14 -18.05 -19.72
MG MG E . 17.19 -15.30 -9.56
N1 EAV F . -34.13 7.02 1.60
N3 EAV F . -28.33 9.25 -2.54
C4 EAV F . -34.24 4.32 -1.09
C5 EAV F . -35.56 4.81 -0.72
C6 EAV F . -36.22 4.46 0.56
C7 EAV F . -35.37 4.84 1.81
C8 EAV F . -35.33 6.38 1.88
C10 EAV F . -32.51 8.90 1.61
C13 EAV F . -30.28 8.16 -2.05
C15 EAV F . -27.97 8.04 -1.96
C17 EAV F . -26.66 6.24 -1.09
C20 EAV F . -29.19 7.35 -1.64
C21 EAV F . -33.89 8.25 -0.88
C22 EAV F . -34.60 8.99 0.28
C24 EAV F . -33.93 4.84 -2.37
N EAV F . -35.97 4.28 3.02
C EAV F . -30.49 3.40 -2.96
O EAV F . -36.34 7.02 2.19
C1 EAV F . -31.81 3.74 -2.33
C11 EAV F . -31.79 8.18 0.48
C12 EAV F . -31.71 7.77 -1.95
C14 EAV F . -29.74 9.32 -2.59
C16 EAV F . -26.70 7.49 -1.69
C18 EAV F . -27.88 5.60 -0.79
C19 EAV F . -29.14 6.10 -1.04
C2 EAV F . -32.12 3.23 -1.05
C23 EAV F . -36.02 5.59 -1.78
C25 EAV F . -32.71 4.55 -3.02
C3 EAV F . -33.32 3.51 -0.43
C9 EAV F . -34.00 8.48 1.61
N2 EAV F . -32.40 8.53 -0.86
N4 EAV F . -35.04 5.62 -2.80
CL EAV F . -27.80 4.05 -0.01
C FMT G . 28.28 -18.81 15.06
O1 FMT G . 27.39 -18.44 14.30
O2 FMT G . 29.06 -18.05 15.63
C FMT H . -18.59 1.47 -36.11
O1 FMT H . -19.44 2.37 -36.08
O2 FMT H . -18.55 0.53 -35.32
C FMT I . 20.78 -14.42 1.48
O1 FMT I . 20.71 -13.39 2.14
O2 FMT I . 20.93 -15.54 1.97
C FMT J . 26.36 -10.47 12.92
O1 FMT J . 26.32 -10.48 11.69
O2 FMT J . 26.39 -11.50 13.60
C FMT K . -33.80 17.91 -28.08
O1 FMT K . -34.39 17.18 -27.30
O2 FMT K . -32.99 18.78 -27.76
C1 GOL L . -2.30 -2.87 -17.23
O1 GOL L . -1.01 -2.95 -17.77
C2 GOL L . -2.36 -1.48 -16.61
O2 GOL L . -2.27 -0.50 -17.60
C3 GOL L . -3.68 -1.39 -15.79
O3 GOL L . -3.75 -2.48 -14.87
C1 GOL M . -16.34 -5.70 -17.84
O1 GOL M . -15.25 -5.96 -18.66
C2 GOL M . -17.48 -6.66 -18.26
O2 GOL M . -17.02 -7.95 -18.45
C3 GOL M . -18.47 -6.61 -17.09
O3 GOL M . -19.69 -6.17 -17.61
C FMT N . -3.15 16.09 10.32
O1 FMT N . -3.12 15.44 11.37
O2 FMT N . -4.09 16.15 9.51
NA NA O . -0.18 31.64 9.96
#